data_1M0T
#
_entry.id   1M0T
#
_cell.length_a   69.869
_cell.length_b   155.069
_cell.length_c   190.582
_cell.angle_alpha   90.00
_cell.angle_beta   90.00
_cell.angle_gamma   90.00
#
_symmetry.space_group_name_H-M   'C 2 2 21'
#
loop_
_entity.id
_entity.type
_entity.pdbx_description
1 polymer 'glutathione synthetase'
2 non-polymer 'SULFATE ION'
3 water water
#
_entity_poly.entity_id   1
_entity_poly.type   'polypeptide(L)'
_entity_poly.pdbx_seq_one_letter_code
;MAHYPPSKDQLNELIQEVNQWAITNGLSMYPPKFEENPSNASVSPVTIYPTPIPRKCFDEAVQIQPVFNELYARITQDMA
QPDSYLHKTTEALALSDSEFTGKLWSLYLATLKSAQYKKQNFRLGIFRSDYLIDKKKGTEQIKQVEFNTVSVSFAGLSEK
VDRLHSYLNRANKYDPKGPIYNDQNMVISDSGYLLSKALAKAVESYKSQQSSSTTSDPIVAFIVQRNERNVFDQKVLELN
LLEKFGTKSVRLTFDDVNDKLFIDDKTGKLFIRDTEQEIAVVYYRTGYTTTDYTSEKDWEARLFLEKSFAIKAPDLLTQL
SGSKKIQQLLTDEGVLGKYISDAEKKSSLLKTFVKIYPLDDTKLGREGKRLALSEPSKYVLKPQREGGGNNVYKENIPNF
LKGIEERHWDAYILMELIEPELNENNIILRDNKSYNEPIISELGIYGCVLFNDEQVLSNEFSGSLLRSKFNTSNEGGVAA
GFGCLDSIILY
;
_entity_poly.pdbx_strand_id   A,B
#
# COMPACT_ATOMS: atom_id res chain seq x y z
N PRO A 5 2.00 10.05 27.42
CA PRO A 5 2.49 9.09 28.43
C PRO A 5 1.91 7.66 28.24
N PRO A 6 1.93 7.07 27.04
CA PRO A 6 1.40 5.73 26.87
C PRO A 6 2.03 4.64 27.78
N SER A 7 1.23 3.66 28.22
CA SER A 7 1.84 2.63 29.06
C SER A 7 3.01 2.09 28.25
N LYS A 8 4.05 1.57 28.89
CA LYS A 8 5.16 1.04 28.12
C LYS A 8 4.64 0.00 27.12
N ASP A 9 3.70 -0.83 27.54
CA ASP A 9 3.13 -1.85 26.66
C ASP A 9 2.08 -1.29 25.72
N GLN A 10 1.45 -0.19 26.10
CA GLN A 10 0.46 0.43 25.24
C GLN A 10 1.25 0.98 24.05
N LEU A 11 2.41 1.55 24.36
CA LEU A 11 3.30 2.13 23.35
C LEU A 11 3.89 1.05 22.44
N ASN A 12 4.35 -0.04 23.02
CA ASN A 12 4.92 -1.14 22.24
C ASN A 12 3.91 -1.70 21.23
N GLU A 13 2.67 -1.85 21.67
CA GLU A 13 1.62 -2.35 20.79
C GLU A 13 1.33 -1.31 19.71
N LEU A 14 1.29 -0.04 20.13
CA LEU A 14 1.03 1.04 19.21
C LEU A 14 2.12 1.08 18.15
N ILE A 15 3.38 0.90 18.57
CA ILE A 15 4.49 0.95 17.62
C ILE A 15 4.38 -0.16 16.56
N GLN A 16 4.05 -1.37 16.97
N GLN A 16 4.06 -1.36 17.00
CA GLN A 16 3.93 -2.44 15.97
CA GLN A 16 3.90 -2.49 16.11
C GLN A 16 2.73 -2.24 15.07
C GLN A 16 2.72 -2.29 15.14
N GLU A 17 1.68 -1.60 15.61
CA GLU A 17 0.49 -1.33 14.80
C GLU A 17 0.92 -0.37 13.67
N VAL A 18 1.79 0.59 14.00
CA VAL A 18 2.29 1.54 13.01
C VAL A 18 3.16 0.84 11.97
N ASN A 19 4.04 -0.04 12.43
CA ASN A 19 4.90 -0.75 11.48
C ASN A 19 4.06 -1.59 10.49
N GLN A 20 3.11 -2.36 11.02
CA GLN A 20 2.24 -3.18 10.21
C GLN A 20 1.38 -2.35 9.23
N TRP A 21 0.79 -1.26 9.69
CA TRP A 21 -0.05 -0.44 8.78
C TRP A 21 0.81 0.20 7.69
N ALA A 22 1.93 0.80 8.10
CA ALA A 22 2.83 1.45 7.15
C ALA A 22 3.38 0.52 6.07
N ILE A 23 3.87 -0.65 6.47
CA ILE A 23 4.39 -1.59 5.50
C ILE A 23 3.26 -2.02 4.56
N THR A 24 2.11 -2.39 5.13
CA THR A 24 0.97 -2.80 4.32
C THR A 24 0.53 -1.68 3.35
N ASN A 25 0.72 -0.43 3.73
CA ASN A 25 0.31 0.69 2.87
C ASN A 25 1.46 1.40 2.14
N GLY A 26 2.66 0.83 2.19
CA GLY A 26 3.78 1.43 1.50
C GLY A 26 4.31 2.76 2.04
N LEU A 27 4.11 3.01 3.34
CA LEU A 27 4.63 4.25 3.94
C LEU A 27 6.10 3.91 4.22
N SER A 28 6.89 3.80 3.15
CA SER A 28 8.26 3.37 3.26
C SER A 28 9.33 4.12 2.48
N MET A 29 10.57 3.72 2.76
CA MET A 29 11.71 4.30 2.08
C MET A 29 12.86 3.29 2.11
N TYR A 30 13.77 3.44 1.16
CA TYR A 30 14.92 2.58 1.06
C TYR A 30 15.97 3.04 2.05
N PRO A 31 16.62 2.10 2.74
CA PRO A 31 17.66 2.43 3.71
C PRO A 31 18.94 2.66 2.91
N PRO A 32 20.04 3.11 3.55
CA PRO A 32 21.29 3.33 2.80
C PRO A 32 21.75 2.03 2.14
N LYS A 33 22.42 2.14 1.00
CA LYS A 33 22.94 0.97 0.27
C LYS A 33 21.86 -0.06 -0.10
N PHE A 34 20.66 0.42 -0.41
CA PHE A 34 19.55 -0.44 -0.76
C PHE A 34 19.84 -1.15 -2.08
N GLU A 35 20.84 -0.65 -2.79
CA GLU A 35 21.23 -1.23 -4.08
C GLU A 35 21.68 -2.69 -3.90
N GLU A 36 22.06 -3.04 -2.68
CA GLU A 36 22.51 -4.40 -2.37
C GLU A 36 21.32 -5.37 -2.29
N ASN A 37 20.13 -4.83 -2.02
CA ASN A 37 18.91 -5.66 -1.96
C ASN A 37 17.71 -4.74 -2.05
N PRO A 38 17.35 -4.36 -3.28
CA PRO A 38 16.24 -3.47 -3.58
C PRO A 38 14.83 -4.03 -3.34
N SER A 39 14.75 -5.24 -2.77
N SER A 39 14.76 -5.23 -2.76
CA SER A 39 13.46 -5.83 -2.46
CA SER A 39 13.48 -5.84 -2.46
C SER A 39 13.10 -5.59 -1.00
C SER A 39 13.16 -5.65 -0.98
N ASN A 40 14.03 -4.98 -0.27
N ASN A 40 14.05 -4.93 -0.29
CA ASN A 40 13.79 -4.68 1.14
CA ASN A 40 13.89 -4.64 1.14
C ASN A 40 13.61 -3.17 1.33
C ASN A 40 13.65 -3.15 1.35
N ALA A 41 12.64 -2.80 2.15
CA ALA A 41 12.37 -1.40 2.41
C ALA A 41 12.00 -1.21 3.88
N SER A 42 12.16 0.01 4.39
CA SER A 42 11.86 0.30 5.77
C SER A 42 10.73 1.28 5.95
N VAL A 43 10.14 1.25 7.12
CA VAL A 43 9.06 2.17 7.46
C VAL A 43 9.68 3.56 7.61
N SER A 44 9.03 4.56 7.01
N SER A 44 9.03 4.56 7.00
CA SER A 44 9.48 5.93 7.06
CA SER A 44 9.52 5.93 7.05
C SER A 44 9.40 6.52 8.46
C SER A 44 9.41 6.51 8.46
N PRO A 45 10.28 7.47 8.80
CA PRO A 45 10.25 8.08 10.13
C PRO A 45 8.90 8.82 10.26
N VAL A 46 8.17 8.58 11.34
CA VAL A 46 6.89 9.23 11.52
C VAL A 46 6.61 9.48 12.97
N THR A 47 5.68 10.38 13.25
CA THR A 47 5.28 10.64 14.61
C THR A 47 4.17 9.61 14.85
N ILE A 48 3.89 9.34 16.11
CA ILE A 48 2.83 8.40 16.41
C ILE A 48 1.48 9.10 16.49
N TYR A 49 1.48 10.34 16.97
CA TYR A 49 0.25 11.11 17.10
C TYR A 49 0.29 12.33 16.18
N PRO A 50 -0.88 12.97 15.97
CA PRO A 50 -0.89 14.15 15.12
C PRO A 50 -0.44 15.33 15.99
N THR A 51 0.10 16.38 15.37
CA THR A 51 0.55 17.56 16.08
C THR A 51 -0.52 18.63 15.97
N PRO A 52 -0.82 19.31 17.08
CA PRO A 52 -1.84 20.37 17.10
C PRO A 52 -1.41 21.62 16.31
N ILE A 53 -2.30 22.05 15.41
CA ILE A 53 -2.07 23.23 14.60
C ILE A 53 -3.35 24.04 14.70
N PRO A 54 -3.24 25.36 14.92
CA PRO A 54 -4.45 26.18 15.02
C PRO A 54 -5.22 26.19 13.70
N ARG A 55 -6.52 25.93 13.77
CA ARG A 55 -7.38 25.90 12.59
C ARG A 55 -7.29 27.19 11.77
N LYS A 56 -7.25 28.31 12.47
CA LYS A 56 -7.18 29.61 11.80
C LYS A 56 -5.91 29.72 10.94
N CYS A 57 -4.76 29.29 11.47
CA CYS A 57 -3.51 29.35 10.72
C CYS A 57 -3.53 28.43 9.50
N PHE A 58 -4.08 27.23 9.69
CA PHE A 58 -4.17 26.25 8.62
C PHE A 58 -5.03 26.77 7.48
N ASP A 59 -6.21 27.31 7.78
CA ASP A 59 -7.11 27.83 6.75
C ASP A 59 -6.48 28.99 5.97
N GLU A 60 -5.74 29.85 6.66
N GLU A 60 -5.73 29.84 6.66
CA GLU A 60 -5.10 30.96 5.98
CA GLU A 60 -5.07 30.96 6.02
C GLU A 60 -3.98 30.46 5.05
C GLU A 60 -3.99 30.46 5.06
N ALA A 61 -3.23 29.46 5.50
CA ALA A 61 -2.14 28.90 4.67
C ALA A 61 -2.73 28.28 3.40
N VAL A 62 -3.85 27.57 3.54
CA VAL A 62 -4.51 26.95 2.41
C VAL A 62 -5.02 28.03 1.46
N GLN A 63 -5.72 28.99 2.04
CA GLN A 63 -6.31 30.09 1.28
C GLN A 63 -5.32 30.98 0.54
N ILE A 64 -4.13 31.17 1.11
CA ILE A 64 -3.13 32.04 0.50
C ILE A 64 -2.25 31.37 -0.58
N GLN A 65 -2.29 30.04 -0.65
CA GLN A 65 -1.43 29.34 -1.64
C GLN A 65 -1.61 29.81 -3.09
N PRO A 66 -2.87 29.99 -3.54
CA PRO A 66 -3.09 30.43 -4.92
C PRO A 66 -2.43 31.80 -5.19
N VAL A 67 -2.45 32.66 -4.18
CA VAL A 67 -1.84 33.98 -4.33
C VAL A 67 -0.32 33.83 -4.47
N PHE A 68 0.28 32.87 -3.74
CA PHE A 68 1.73 32.66 -3.88
C PHE A 68 2.04 32.01 -5.24
N ASN A 69 1.18 31.08 -5.66
CA ASN A 69 1.39 30.42 -6.95
C ASN A 69 1.42 31.51 -8.05
N GLU A 70 0.42 32.39 -8.01
CA GLU A 70 0.32 33.45 -8.98
C GLU A 70 1.54 34.38 -8.94
N LEU A 71 1.98 34.73 -7.72
CA LEU A 71 3.12 35.61 -7.55
C LEU A 71 4.37 35.07 -8.24
N TYR A 72 4.71 33.81 -7.97
CA TYR A 72 5.91 33.23 -8.57
C TYR A 72 5.77 32.97 -10.05
N ALA A 73 4.54 32.80 -10.50
CA ALA A 73 4.28 32.63 -11.93
C ALA A 73 4.59 33.97 -12.61
N ARG A 74 4.10 35.06 -12.02
CA ARG A 74 4.32 36.41 -12.55
C ARG A 74 5.80 36.80 -12.54
N ILE A 75 6.51 36.39 -11.50
CA ILE A 75 7.94 36.67 -11.39
C ILE A 75 8.67 35.93 -12.52
N THR A 76 8.28 34.68 -12.75
CA THR A 76 8.91 33.89 -13.81
C THR A 76 8.67 34.54 -15.18
N GLN A 77 7.43 34.97 -15.40
CA GLN A 77 7.09 35.61 -16.67
C GLN A 77 7.89 36.91 -16.87
N ASP A 78 8.11 37.64 -15.78
CA ASP A 78 8.84 38.89 -15.84
C ASP A 78 10.31 38.64 -16.18
N MET A 79 10.90 37.63 -15.54
CA MET A 79 12.28 37.27 -15.76
C MET A 79 12.61 36.91 -17.21
N ALA A 80 11.61 36.46 -17.95
CA ALA A 80 11.83 36.06 -19.35
C ALA A 80 12.08 37.29 -20.21
N GLN A 81 12.18 38.44 -19.56
CA GLN A 81 12.42 39.68 -20.29
C GLN A 81 13.50 40.50 -19.60
N PRO A 82 14.73 40.52 -20.17
CA PRO A 82 15.85 41.26 -19.61
C PRO A 82 15.56 42.73 -19.30
N ASP A 83 14.34 43.15 -19.57
CA ASP A 83 13.91 44.53 -19.31
C ASP A 83 13.20 44.68 -17.96
N SER A 84 13.58 43.85 -17.00
CA SER A 84 13.00 43.92 -15.67
C SER A 84 14.13 43.87 -14.67
N TYR A 85 13.82 43.71 -13.36
CA TYR A 85 14.94 43.66 -12.44
C TYR A 85 15.21 42.27 -11.85
N LEU A 86 14.17 41.48 -11.70
CA LEU A 86 14.30 40.12 -11.17
C LEU A 86 15.24 39.28 -12.03
N PHE A 100 26.01 27.81 -8.31
CA PHE A 100 24.97 26.88 -8.82
C PHE A 100 23.98 27.65 -9.69
N THR A 101 23.45 28.75 -9.17
CA THR A 101 22.52 29.58 -9.93
C THR A 101 23.18 30.06 -11.21
N GLY A 102 24.51 30.17 -11.16
CA GLY A 102 25.26 30.63 -12.32
C GLY A 102 25.14 29.67 -13.48
N LYS A 103 25.33 28.38 -13.22
CA LYS A 103 25.23 27.38 -14.28
C LYS A 103 23.79 27.32 -14.79
N LEU A 104 22.82 27.38 -13.88
CA LEU A 104 21.40 27.35 -14.27
C LEU A 104 21.10 28.50 -15.20
N TRP A 105 21.62 29.68 -14.84
CA TRP A 105 21.41 30.87 -15.65
C TRP A 105 22.10 30.66 -17.00
N SER A 106 23.25 30.01 -16.98
CA SER A 106 23.98 29.75 -18.21
C SER A 106 23.11 28.89 -19.13
N LEU A 107 22.55 27.81 -18.57
CA LEU A 107 21.67 26.94 -19.36
C LEU A 107 20.50 27.74 -19.93
N TYR A 108 19.94 28.63 -19.12
CA TYR A 108 18.82 29.44 -19.57
C TYR A 108 19.17 30.23 -20.84
N LEU A 109 20.30 30.93 -20.80
CA LEU A 109 20.75 31.68 -21.96
C LEU A 109 20.91 30.75 -23.15
N ALA A 110 21.42 29.56 -22.90
CA ALA A 110 21.59 28.58 -23.99
C ALA A 110 20.25 28.20 -24.60
N THR A 111 19.16 28.29 -23.85
CA THR A 111 17.85 27.94 -24.44
C THR A 111 17.31 29.08 -25.28
N LEU A 112 17.93 30.24 -25.15
CA LEU A 112 17.47 31.41 -25.91
C LEU A 112 17.87 31.29 -27.37
N LYS A 113 18.79 30.38 -27.66
CA LYS A 113 19.25 30.18 -29.04
C LYS A 113 18.06 29.81 -29.93
N SER A 114 17.97 30.44 -31.10
CA SER A 114 16.87 30.17 -32.02
C SER A 114 16.81 28.73 -32.49
N ALA A 115 15.59 28.24 -32.74
CA ALA A 115 15.35 26.88 -33.21
C ALA A 115 14.40 26.93 -34.41
N GLN A 116 14.31 25.86 -35.19
CA GLN A 116 13.42 25.88 -36.34
C GLN A 116 11.97 25.54 -36.00
N TYR A 117 11.71 25.24 -34.74
CA TYR A 117 10.35 24.92 -34.31
C TYR A 117 9.91 25.92 -33.25
N LYS A 118 8.61 26.18 -33.17
CA LYS A 118 8.12 27.12 -32.16
C LYS A 118 8.40 26.48 -30.80
N LYS A 119 8.86 27.27 -29.85
CA LYS A 119 9.16 26.77 -28.52
C LYS A 119 7.91 26.62 -27.64
N GLN A 120 7.96 25.68 -26.69
CA GLN A 120 6.87 25.42 -25.76
C GLN A 120 6.68 26.61 -24.81
N ASN A 121 5.50 27.23 -24.87
N ASN A 121 5.50 27.23 -24.86
CA ASN A 121 5.19 28.39 -24.04
CA ASN A 121 5.21 28.39 -24.03
C ASN A 121 4.55 28.05 -22.70
C ASN A 121 4.54 28.05 -22.69
N PHE A 122 4.03 26.83 -22.57
CA PHE A 122 3.38 26.41 -21.32
C PHE A 122 4.37 25.89 -20.26
N ARG A 123 4.19 26.32 -19.02
CA ARG A 123 5.05 25.87 -17.94
C ARG A 123 4.19 25.37 -16.79
N LEU A 124 4.71 24.42 -16.03
CA LEU A 124 3.99 23.88 -14.90
C LEU A 124 4.80 24.13 -13.66
N GLY A 125 4.18 24.79 -12.69
CA GLY A 125 4.83 25.03 -11.43
C GLY A 125 4.15 24.17 -10.38
N ILE A 126 4.93 23.29 -9.76
CA ILE A 126 4.46 22.45 -8.68
C ILE A 126 5.25 22.94 -7.49
N PHE A 127 4.58 23.68 -6.63
CA PHE A 127 5.25 24.34 -5.53
C PHE A 127 4.82 23.88 -4.15
N ARG A 128 5.53 24.43 -3.17
CA ARG A 128 5.22 24.18 -1.78
C ARG A 128 5.70 25.34 -0.93
N SER A 129 4.80 25.87 -0.11
N SER A 129 4.80 25.88 -0.10
CA SER A 129 5.10 26.96 0.80
CA SER A 129 5.14 26.97 0.79
C SER A 129 5.28 26.32 2.18
C SER A 129 5.27 26.36 2.18
N ASP A 130 6.35 26.68 2.88
CA ASP A 130 6.58 26.14 4.22
C ASP A 130 6.44 27.22 5.31
N TYR A 131 5.64 26.94 6.32
CA TYR A 131 5.45 27.89 7.42
C TYR A 131 5.81 27.33 8.80
N LEU A 132 6.01 28.24 9.71
CA LEU A 132 6.27 27.95 11.10
C LEU A 132 5.14 28.68 11.81
N ILE A 133 4.57 28.10 12.87
CA ILE A 133 3.51 28.79 13.57
C ILE A 133 4.13 29.64 14.68
N ASP A 134 4.28 30.94 14.40
CA ASP A 134 4.85 31.87 15.38
C ASP A 134 3.83 32.18 16.47
N LYS A 135 4.28 32.16 17.72
CA LYS A 135 3.39 32.44 18.84
C LYS A 135 3.97 33.47 19.82
N LYS A 136 4.75 34.43 19.30
CA LYS A 136 5.35 35.45 20.14
C LYS A 136 4.27 36.16 20.96
N GLU A 140 -1.87 33.65 17.16
CA GLU A 140 -0.91 32.82 16.37
C GLU A 140 -0.88 33.28 14.91
N GLN A 141 0.33 33.32 14.34
CA GLN A 141 0.51 33.76 12.97
C GLN A 141 1.47 32.86 12.20
N ILE A 142 1.10 32.51 10.97
CA ILE A 142 1.97 31.69 10.15
C ILE A 142 3.09 32.56 9.56
N LYS A 143 4.32 32.06 9.61
CA LYS A 143 5.46 32.77 9.07
C LYS A 143 6.11 31.88 8.03
N GLN A 144 6.23 32.39 6.82
CA GLN A 144 6.83 31.62 5.74
C GLN A 144 8.33 31.55 5.91
N VAL A 145 8.85 30.32 5.95
N VAL A 145 8.86 30.34 5.94
CA VAL A 145 10.28 30.11 6.12
CA VAL A 145 10.30 30.17 6.09
C VAL A 145 10.90 29.65 4.79
C VAL A 145 10.91 29.67 4.78
N GLU A 146 10.06 29.34 3.81
CA GLU A 146 10.53 28.88 2.52
C GLU A 146 9.42 28.67 1.48
N PHE A 147 9.76 28.93 0.22
CA PHE A 147 8.84 28.72 -0.88
C PHE A 147 9.66 27.94 -1.88
N ASN A 148 9.24 26.70 -2.13
CA ASN A 148 9.94 25.80 -3.04
C ASN A 148 9.32 25.80 -4.43
N THR A 149 10.13 26.07 -5.46
CA THR A 149 9.63 26.12 -6.83
C THR A 149 10.10 24.96 -7.70
N VAL A 150 10.78 23.98 -7.12
CA VAL A 150 11.28 22.87 -7.90
C VAL A 150 11.41 21.58 -7.06
N SER A 151 11.12 20.46 -7.69
CA SER A 151 11.22 19.15 -7.07
C SER A 151 10.77 19.09 -5.58
N VAL A 152 9.55 19.52 -5.29
CA VAL A 152 9.08 19.45 -3.90
C VAL A 152 8.73 17.99 -3.59
N SER A 153 9.05 17.54 -2.40
CA SER A 153 8.84 16.16 -2.00
C SER A 153 7.72 15.89 -1.01
N PHE A 154 7.48 14.61 -0.79
CA PHE A 154 6.56 14.02 0.19
C PHE A 154 5.06 14.14 -0.02
N ALA A 155 4.61 14.55 -1.21
CA ALA A 155 3.18 14.65 -1.48
C ALA A 155 2.52 13.27 -1.38
N GLY A 156 3.27 12.22 -1.71
CA GLY A 156 2.73 10.89 -1.67
C GLY A 156 2.67 10.29 -0.26
N LEU A 157 3.77 10.37 0.48
CA LEU A 157 3.81 9.83 1.85
C LEU A 157 2.95 10.66 2.82
N SER A 158 2.79 11.94 2.53
CA SER A 158 1.99 12.84 3.36
C SER A 158 0.57 12.26 3.51
N GLU A 159 -0.02 11.85 2.39
CA GLU A 159 -1.34 11.26 2.40
C GLU A 159 -1.35 10.01 3.30
N LYS A 160 -0.25 9.26 3.26
CA LYS A 160 -0.22 8.04 4.04
C LYS A 160 -0.06 8.21 5.54
N VAL A 161 0.72 9.20 5.96
N VAL A 161 0.72 9.21 5.95
CA VAL A 161 0.88 9.43 7.38
CA VAL A 161 0.91 9.46 7.38
C VAL A 161 -0.42 9.98 7.94
C VAL A 161 -0.41 9.99 7.95
N ASP A 162 -1.13 10.77 7.16
CA ASP A 162 -2.40 11.33 7.58
C ASP A 162 -3.38 10.20 7.79
N ARG A 163 -3.42 9.27 6.83
CA ARG A 163 -4.35 8.14 6.95
C ARG A 163 -3.91 7.20 8.05
N LEU A 164 -2.60 7.10 8.29
CA LEU A 164 -2.12 6.22 9.36
C LEU A 164 -2.71 6.71 10.70
N HIS A 165 -2.59 8.01 10.97
CA HIS A 165 -3.10 8.57 12.22
C HIS A 165 -4.62 8.50 12.31
N SER A 166 -5.29 8.73 11.19
CA SER A 166 -6.75 8.68 11.16
C SER A 166 -7.22 7.27 11.57
N TYR A 167 -6.61 6.27 10.94
CA TYR A 167 -6.87 4.86 11.20
C TYR A 167 -6.63 4.49 12.68
N LEU A 168 -5.47 4.85 13.19
CA LEU A 168 -5.12 4.57 14.58
C LEU A 168 -6.18 5.17 15.53
N ASN A 169 -6.82 6.26 15.11
CA ASN A 169 -7.84 6.89 15.93
C ASN A 169 -9.18 6.14 15.82
N ARG A 170 -9.61 5.90 14.57
CA ARG A 170 -10.86 5.22 14.32
C ARG A 170 -10.88 3.74 14.65
N ALA A 171 -9.72 3.08 14.61
CA ALA A 171 -9.63 1.64 14.89
C ALA A 171 -9.37 1.35 16.37
N ASN A 172 -9.47 2.37 17.21
CA ASN A 172 -9.24 2.23 18.61
C ASN A 172 -7.85 1.72 18.94
N LYS A 173 -6.84 2.25 18.28
CA LYS A 173 -5.47 1.84 18.57
C LYS A 173 -4.84 2.85 19.53
N TYR A 174 -5.27 4.11 19.44
CA TYR A 174 -4.76 5.14 20.33
C TYR A 174 -5.33 4.85 21.72
N ASP A 175 -6.58 4.40 21.75
CA ASP A 175 -7.28 4.06 22.96
C ASP A 175 -8.23 2.91 22.62
N PRO A 176 -8.05 1.75 23.29
CA PRO A 176 -8.89 0.57 23.07
C PRO A 176 -10.39 0.79 23.27
N LYS A 177 -10.73 1.84 24.01
CA LYS A 177 -12.12 2.14 24.29
C LYS A 177 -12.80 3.07 23.30
N GLY A 178 -12.00 3.80 22.52
CA GLY A 178 -12.59 4.70 21.54
C GLY A 178 -11.62 5.73 20.98
N PRO A 179 -12.06 6.50 19.98
CA PRO A 179 -11.23 7.54 19.35
C PRO A 179 -10.83 8.56 20.41
N ILE A 180 -9.60 9.07 20.34
CA ILE A 180 -9.20 10.08 21.30
C ILE A 180 -9.24 11.44 20.61
N TYR A 181 -9.57 11.44 19.31
CA TYR A 181 -9.64 12.68 18.54
C TYR A 181 -10.96 12.82 17.80
N ASN A 182 -11.28 14.06 17.45
CA ASN A 182 -12.48 14.37 16.71
C ASN A 182 -12.06 14.30 15.25
N ASP A 183 -12.59 13.31 14.53
CA ASP A 183 -12.27 13.13 13.12
C ASP A 183 -12.39 14.38 12.27
N GLN A 184 -13.28 15.28 12.68
CA GLN A 184 -13.49 16.53 11.95
C GLN A 184 -12.30 17.47 12.06
N ASN A 185 -11.43 17.23 13.05
CA ASN A 185 -10.26 18.07 13.24
C ASN A 185 -8.98 17.44 12.67
N MET A 186 -9.06 16.18 12.29
CA MET A 186 -7.89 15.50 11.74
C MET A 186 -7.79 15.73 10.25
N VAL A 187 -6.72 16.41 9.84
CA VAL A 187 -6.54 16.71 8.44
C VAL A 187 -6.05 15.50 7.64
N ILE A 188 -6.72 15.24 6.53
CA ILE A 188 -6.33 14.15 5.66
C ILE A 188 -6.07 14.78 4.29
N SER A 189 -4.80 14.85 3.95
CA SER A 189 -4.32 15.45 2.71
C SER A 189 -4.49 14.58 1.48
N ASP A 190 -4.82 15.20 0.35
CA ASP A 190 -4.95 14.48 -0.90
C ASP A 190 -3.84 14.92 -1.85
N SER A 191 -2.76 15.41 -1.28
CA SER A 191 -1.59 15.89 -2.04
C SER A 191 -1.07 14.93 -3.10
N GLY A 192 -1.06 13.64 -2.81
CA GLY A 192 -0.58 12.67 -3.78
C GLY A 192 -1.47 12.68 -5.01
N TYR A 193 -2.77 12.61 -4.78
CA TYR A 193 -3.73 12.62 -5.86
C TYR A 193 -3.73 13.99 -6.56
N LEU A 194 -3.66 15.07 -5.79
CA LEU A 194 -3.69 16.40 -6.37
C LEU A 194 -2.47 16.72 -7.23
N LEU A 195 -1.29 16.26 -6.82
CA LEU A 195 -0.10 16.53 -7.60
C LEU A 195 -0.18 15.74 -8.92
N SER A 196 -0.74 14.54 -8.86
N SER A 196 -0.74 14.54 -8.86
CA SER A 196 -0.87 13.70 -10.05
CA SER A 196 -0.87 13.71 -10.05
C SER A 196 -1.90 14.32 -11.00
C SER A 196 -1.90 14.31 -10.99
N LYS A 197 -2.90 14.97 -10.41
CA LYS A 197 -3.94 15.65 -11.19
C LYS A 197 -3.31 16.84 -11.93
N ALA A 198 -2.37 17.48 -11.27
CA ALA A 198 -1.67 18.63 -11.86
C ALA A 198 -0.85 18.15 -13.03
N LEU A 199 -0.18 17.01 -12.87
CA LEU A 199 0.64 16.47 -13.96
C LEU A 199 -0.25 16.01 -15.12
N ALA A 200 -1.41 15.43 -14.81
CA ALA A 200 -2.32 14.95 -15.85
C ALA A 200 -2.86 16.16 -16.60
N LYS A 201 -3.11 17.25 -15.88
N LYS A 201 -3.11 17.24 -15.87
CA LYS A 201 -3.63 18.47 -16.51
CA LYS A 201 -3.61 18.47 -16.46
C LYS A 201 -2.59 19.04 -17.47
C LYS A 201 -2.59 19.04 -17.45
N ALA A 202 -1.31 18.94 -17.11
CA ALA A 202 -0.25 19.44 -17.97
C ALA A 202 -0.15 18.58 -19.23
N VAL A 203 -0.35 17.29 -19.09
CA VAL A 203 -0.27 16.39 -20.25
C VAL A 203 -1.41 16.70 -21.23
N GLU A 204 -2.61 16.90 -20.68
CA GLU A 204 -3.76 17.19 -21.53
C GLU A 204 -3.62 18.54 -22.21
N SER A 205 -2.97 19.50 -21.57
CA SER A 205 -2.85 20.80 -22.22
C SER A 205 -1.77 20.69 -23.29
N TYR A 206 -0.87 19.73 -23.13
CA TYR A 206 0.18 19.53 -24.14
C TYR A 206 -0.54 18.90 -25.36
N LYS A 207 -1.30 17.84 -25.12
CA LYS A 207 -2.04 17.17 -26.18
C LYS A 207 -3.02 18.12 -26.89
N SER A 208 -3.66 18.97 -26.12
CA SER A 208 -4.64 19.90 -26.64
C SER A 208 -4.05 20.95 -27.58
N GLN A 209 -2.76 21.20 -27.48
CA GLN A 209 -2.10 22.18 -28.34
C GLN A 209 -2.15 21.81 -29.80
N GLN A 210 -2.21 20.51 -30.10
CA GLN A 210 -2.28 20.04 -31.47
C GLN A 210 -2.92 18.65 -31.49
N SER A 211 -4.00 18.49 -32.25
CA SER A 211 -4.68 17.19 -32.32
C SER A 211 -4.00 16.26 -33.30
N SER A 212 -4.47 15.02 -33.34
N SER A 212 -4.47 15.02 -33.34
CA SER A 212 -3.90 14.02 -34.23
CA SER A 212 -3.89 14.03 -34.24
C SER A 212 -4.97 13.14 -34.84
C SER A 212 -4.97 13.14 -34.84
N SER A 213 -4.74 12.70 -36.08
CA SER A 213 -5.68 11.82 -36.77
C SER A 213 -5.04 10.44 -36.69
N THR A 214 -4.50 10.19 -35.51
CA THR A 214 -3.83 8.94 -35.16
C THR A 214 -3.90 8.97 -33.64
N THR A 215 -3.76 7.81 -33.00
CA THR A 215 -3.81 7.81 -31.55
C THR A 215 -2.53 8.41 -30.98
N SER A 216 -2.69 9.21 -29.93
CA SER A 216 -1.55 9.85 -29.27
C SER A 216 -1.72 9.67 -27.76
N ASP A 217 -0.72 9.07 -27.14
CA ASP A 217 -0.76 8.83 -25.70
C ASP A 217 0.59 9.25 -25.09
N PRO A 218 0.89 10.56 -25.11
CA PRO A 218 2.13 11.11 -24.58
C PRO A 218 2.23 10.82 -23.10
N ILE A 219 3.45 10.74 -22.59
CA ILE A 219 3.63 10.40 -21.18
C ILE A 219 4.33 11.44 -20.33
N VAL A 220 4.38 11.19 -19.04
CA VAL A 220 5.07 12.05 -18.10
C VAL A 220 6.45 11.44 -17.79
N ALA A 221 7.51 12.21 -17.98
CA ALA A 221 8.83 11.69 -17.67
C ALA A 221 9.27 12.18 -16.30
N PHE A 222 9.45 11.26 -15.36
CA PHE A 222 9.97 11.58 -14.04
C PHE A 222 11.52 11.56 -14.18
N ILE A 223 12.16 12.71 -14.02
CA ILE A 223 13.61 12.81 -14.09
C ILE A 223 14.07 12.60 -12.66
N VAL A 224 14.68 11.46 -12.38
CA VAL A 224 15.06 11.17 -11.01
C VAL A 224 16.56 11.06 -10.75
N GLN A 225 16.88 11.11 -9.47
CA GLN A 225 18.24 11.02 -8.95
C GLN A 225 18.68 9.56 -9.02
N ARG A 226 19.97 9.35 -9.26
CA ARG A 226 20.50 7.99 -9.29
C ARG A 226 20.40 7.49 -7.85
N ASN A 227 20.08 6.20 -7.69
CA ASN A 227 19.98 5.63 -6.34
C ASN A 227 18.97 6.36 -5.42
N GLU A 228 17.81 6.73 -5.95
CA GLU A 228 16.81 7.42 -5.15
C GLU A 228 16.27 6.52 -4.04
N ARG A 229 16.39 6.98 -2.80
CA ARG A 229 15.91 6.19 -1.68
C ARG A 229 14.42 6.50 -1.39
N ASN A 230 13.96 7.64 -1.85
CA ASN A 230 12.57 8.03 -1.59
C ASN A 230 11.64 7.74 -2.79
N VAL A 231 11.91 6.66 -3.51
CA VAL A 231 11.12 6.32 -4.67
C VAL A 231 9.64 6.02 -4.44
N PHE A 232 9.31 5.48 -3.27
CA PHE A 232 7.94 5.12 -2.98
C PHE A 232 7.03 6.31 -2.80
N ASP A 233 7.61 7.44 -2.45
CA ASP A 233 6.87 8.68 -2.30
C ASP A 233 6.48 9.08 -3.73
N GLN A 234 7.41 8.90 -4.65
CA GLN A 234 7.19 9.26 -6.06
C GLN A 234 6.25 8.24 -6.79
N LYS A 235 6.35 6.97 -6.42
CA LYS A 235 5.55 5.94 -7.05
C LYS A 235 4.05 6.23 -6.90
N VAL A 236 3.66 6.86 -5.80
CA VAL A 236 2.27 7.18 -5.57
C VAL A 236 1.72 8.05 -6.71
N LEU A 237 2.55 8.97 -7.20
CA LEU A 237 2.14 9.87 -8.28
C LEU A 237 2.05 9.08 -9.56
N GLU A 238 3.01 8.19 -9.78
CA GLU A 238 3.00 7.38 -10.99
C GLU A 238 1.72 6.53 -11.06
N LEU A 239 1.36 5.91 -9.94
CA LEU A 239 0.19 5.04 -9.90
C LEU A 239 -1.14 5.82 -10.03
N ASN A 240 -1.22 6.99 -9.40
N ASN A 240 -1.19 7.00 -9.40
CA ASN A 240 -2.43 7.79 -9.50
CA ASN A 240 -2.40 7.82 -9.49
C ASN A 240 -2.61 8.28 -10.94
C ASN A 240 -2.61 8.29 -10.92
N LEU A 241 -1.51 8.68 -11.58
CA LEU A 241 -1.56 9.16 -12.95
C LEU A 241 -2.15 8.07 -13.85
N LEU A 242 -1.71 6.83 -13.63
CA LEU A 242 -2.16 5.72 -14.43
C LEU A 242 -3.61 5.35 -14.11
N GLU A 243 -3.85 4.97 -12.86
CA GLU A 243 -5.16 4.55 -12.42
C GLU A 243 -6.26 5.60 -12.40
N LYS A 244 -5.92 6.86 -12.18
CA LYS A 244 -6.94 7.90 -12.10
C LYS A 244 -7.01 8.75 -13.36
N PHE A 245 -5.88 8.94 -14.04
CA PHE A 245 -5.93 9.79 -15.23
C PHE A 245 -5.50 9.13 -16.52
N GLY A 246 -5.40 7.80 -16.50
CA GLY A 246 -5.01 7.06 -17.69
C GLY A 246 -3.70 7.50 -18.32
N THR A 247 -2.81 8.12 -17.53
CA THR A 247 -1.55 8.58 -18.09
C THR A 247 -0.37 7.75 -17.63
N LYS A 248 0.45 7.31 -18.58
CA LYS A 248 1.61 6.50 -18.28
C LYS A 248 2.83 7.37 -18.03
N SER A 249 3.91 6.74 -17.55
CA SER A 249 5.12 7.49 -17.27
C SER A 249 6.36 6.63 -17.31
N VAL A 250 7.52 7.27 -17.16
N VAL A 250 7.51 7.27 -17.15
CA VAL A 250 8.79 6.56 -17.14
CA VAL A 250 8.78 6.56 -17.13
C VAL A 250 9.74 7.27 -16.18
C VAL A 250 9.73 7.27 -16.17
N ARG A 251 10.60 6.51 -15.52
CA ARG A 251 11.55 7.07 -14.59
C ARG A 251 12.89 7.12 -15.28
N LEU A 252 13.46 8.32 -15.39
CA LEU A 252 14.76 8.48 -16.07
C LEU A 252 15.75 9.31 -15.25
N THR A 253 17.01 8.86 -15.22
CA THR A 253 18.07 9.63 -14.56
C THR A 253 18.71 10.44 -15.68
N PHE A 254 19.60 11.37 -15.33
CA PHE A 254 20.27 12.15 -16.38
C PHE A 254 20.99 11.23 -17.36
N ASP A 255 21.43 10.06 -16.88
CA ASP A 255 22.09 9.06 -17.73
C ASP A 255 21.12 8.58 -18.80
N ASP A 256 19.94 8.15 -18.36
CA ASP A 256 18.90 7.65 -19.27
C ASP A 256 18.49 8.72 -20.26
N VAL A 257 18.44 9.97 -19.82
CA VAL A 257 18.07 11.08 -20.71
C VAL A 257 19.09 11.15 -21.86
N ASN A 258 20.37 11.12 -21.52
CA ASN A 258 21.42 11.19 -22.53
C ASN A 258 21.44 10.00 -23.48
N ASP A 259 21.10 8.82 -22.97
CA ASP A 259 21.12 7.60 -23.77
C ASP A 259 19.85 7.21 -24.51
N LYS A 260 18.70 7.42 -23.89
CA LYS A 260 17.44 6.99 -24.48
C LYS A 260 16.51 7.98 -25.15
N LEU A 261 16.75 9.26 -25.01
CA LEU A 261 15.86 10.24 -25.60
C LEU A 261 16.42 10.93 -26.84
N PHE A 262 15.52 11.45 -27.67
CA PHE A 262 15.89 12.19 -28.87
C PHE A 262 14.80 13.22 -29.16
N ILE A 263 15.17 14.25 -29.91
CA ILE A 263 14.25 15.30 -30.25
C ILE A 263 14.02 15.37 -31.76
N ASP A 264 12.76 15.49 -32.16
CA ASP A 264 12.44 15.62 -33.59
C ASP A 264 12.87 17.07 -33.91
N ASP A 265 13.90 17.23 -34.72
CA ASP A 265 14.39 18.55 -35.05
C ASP A 265 13.40 19.49 -35.75
N LYS A 266 12.35 18.95 -36.35
CA LYS A 266 11.36 19.79 -37.01
C LYS A 266 10.30 20.29 -36.03
N THR A 267 9.94 19.45 -35.06
CA THR A 267 8.92 19.82 -34.08
C THR A 267 9.46 20.08 -32.68
N GLY A 268 10.66 19.62 -32.40
CA GLY A 268 11.22 19.77 -31.08
C GLY A 268 10.59 18.78 -30.09
N LYS A 269 9.63 17.97 -30.55
CA LYS A 269 8.97 17.00 -29.68
C LYS A 269 9.93 15.93 -29.16
N LEU A 270 9.79 15.58 -27.88
CA LEU A 270 10.65 14.63 -27.19
C LEU A 270 10.13 13.21 -27.23
N PHE A 271 11.00 12.29 -27.60
CA PHE A 271 10.62 10.88 -27.71
C PHE A 271 11.70 9.98 -27.08
N ILE A 272 11.34 8.72 -26.87
CA ILE A 272 12.22 7.70 -26.34
C ILE A 272 12.63 6.87 -27.56
N ARG A 273 13.93 6.71 -27.77
CA ARG A 273 14.41 5.95 -28.93
C ARG A 273 13.74 4.57 -29.04
N ASP A 274 13.62 4.09 -30.27
CA ASP A 274 13.04 2.81 -30.60
C ASP A 274 11.55 2.62 -30.25
N THR A 275 11.15 2.95 -29.03
CA THR A 275 9.77 2.77 -28.64
C THR A 275 8.88 3.83 -29.23
N GLU A 276 9.45 4.99 -29.53
CA GLU A 276 8.69 6.10 -30.13
C GLU A 276 7.67 6.75 -29.17
N GLN A 277 7.74 6.41 -27.88
N GLN A 277 7.77 6.42 -27.87
CA GLN A 277 6.84 7.00 -26.91
CA GLN A 277 6.87 6.99 -26.87
C GLN A 277 7.14 8.49 -26.79
C GLN A 277 7.14 8.50 -26.79
N GLU A 278 6.08 9.30 -26.87
CA GLU A 278 6.21 10.74 -26.79
C GLU A 278 6.09 11.23 -25.37
N ILE A 279 6.95 12.18 -25.02
CA ILE A 279 6.98 12.74 -23.68
C ILE A 279 6.37 14.15 -23.68
N ALA A 280 5.25 14.29 -22.97
CA ALA A 280 4.54 15.56 -22.89
C ALA A 280 5.03 16.43 -21.72
N VAL A 281 5.36 15.80 -20.60
CA VAL A 281 5.76 16.54 -19.43
C VAL A 281 7.05 16.01 -18.82
N VAL A 282 7.96 16.95 -18.54
CA VAL A 282 9.26 16.65 -17.92
C VAL A 282 9.15 17.10 -16.47
N TYR A 283 8.95 16.13 -15.60
CA TYR A 283 8.75 16.37 -14.18
C TYR A 283 10.05 16.05 -13.41
N TYR A 284 10.68 17.10 -12.88
CA TYR A 284 11.93 16.96 -12.14
C TYR A 284 11.77 16.59 -10.68
N ARG A 285 12.47 15.53 -10.28
CA ARG A 285 12.53 15.09 -8.90
C ARG A 285 14.03 15.02 -8.56
N THR A 286 14.81 15.81 -9.30
CA THR A 286 16.25 15.97 -9.12
C THR A 286 16.66 17.25 -9.86
N GLY A 287 17.92 17.67 -9.68
CA GLY A 287 18.39 18.87 -10.36
C GLY A 287 18.23 20.20 -9.62
N TYR A 288 17.97 20.16 -8.32
CA TYR A 288 17.80 21.37 -7.52
C TYR A 288 19.03 21.69 -6.65
N THR A 289 20.08 20.89 -6.75
CA THR A 289 21.30 21.09 -5.99
C THR A 289 22.49 20.76 -6.89
N THR A 290 23.61 21.43 -6.65
CA THR A 290 24.82 21.25 -7.44
C THR A 290 25.30 19.80 -7.57
N THR A 291 25.12 18.99 -6.54
CA THR A 291 25.56 17.61 -6.63
C THR A 291 24.62 16.71 -7.46
N ASP A 292 23.45 17.22 -7.83
CA ASP A 292 22.52 16.43 -8.63
C ASP A 292 23.10 16.33 -10.03
N TYR A 293 24.00 17.25 -10.36
CA TYR A 293 24.65 17.25 -11.65
C TYR A 293 26.05 16.66 -11.40
N THR A 294 26.15 15.34 -11.59
CA THR A 294 27.37 14.60 -11.37
C THR A 294 28.47 14.85 -12.40
N SER A 295 28.08 15.16 -13.63
CA SER A 295 29.06 15.41 -14.66
C SER A 295 28.56 16.50 -15.61
N GLU A 296 29.37 16.86 -16.59
CA GLU A 296 28.98 17.87 -17.55
C GLU A 296 27.88 17.34 -18.44
N LYS A 297 27.83 16.02 -18.61
CA LYS A 297 26.81 15.41 -19.47
C LYS A 297 25.44 15.60 -18.83
N ASP A 298 25.41 15.68 -17.52
CA ASP A 298 24.17 15.90 -16.80
C ASP A 298 23.65 17.32 -17.07
N TRP A 299 24.56 18.28 -17.27
CA TRP A 299 24.14 19.65 -17.54
C TRP A 299 23.55 19.69 -18.93
N GLU A 300 24.17 18.94 -19.83
N GLU A 300 24.16 18.96 -19.86
CA GLU A 300 23.73 18.88 -21.22
CA GLU A 300 23.66 18.94 -21.23
C GLU A 300 22.38 18.16 -21.32
C GLU A 300 22.34 18.18 -21.31
N ALA A 301 22.15 17.21 -20.41
CA ALA A 301 20.90 16.44 -20.39
C ALA A 301 19.78 17.41 -19.98
N ARG A 302 20.05 18.23 -18.97
CA ARG A 302 19.07 19.23 -18.51
C ARG A 302 18.75 20.20 -19.66
N LEU A 303 19.80 20.73 -20.29
CA LEU A 303 19.62 21.68 -21.38
C LEU A 303 18.82 21.04 -22.51
N PHE A 304 19.16 19.80 -22.80
CA PHE A 304 18.48 19.05 -23.84
C PHE A 304 16.97 18.97 -23.57
N LEU A 305 16.61 18.71 -22.32
CA LEU A 305 15.21 18.62 -21.95
C LEU A 305 14.54 19.98 -22.06
N GLU A 306 15.18 21.02 -21.51
CA GLU A 306 14.64 22.38 -21.51
C GLU A 306 14.39 22.91 -22.93
N LYS A 307 15.18 22.45 -23.89
CA LYS A 307 15.04 22.89 -25.26
C LYS A 307 13.89 22.18 -25.97
N SER A 308 13.58 20.96 -25.53
CA SER A 308 12.48 20.20 -26.18
C SER A 308 11.15 20.93 -26.08
N PHE A 309 10.15 20.42 -26.81
CA PHE A 309 8.82 21.03 -26.86
C PHE A 309 7.98 20.55 -25.67
N ALA A 310 8.55 19.65 -24.87
CA ALA A 310 7.82 19.14 -23.71
C ALA A 310 7.62 20.27 -22.68
N ILE A 311 6.55 20.15 -21.92
CA ILE A 311 6.23 21.08 -20.86
C ILE A 311 7.08 20.69 -19.64
N LYS A 312 7.92 21.60 -19.16
CA LYS A 312 8.77 21.32 -18.00
C LYS A 312 8.06 21.69 -16.70
N ALA A 313 8.35 20.90 -15.65
CA ALA A 313 7.74 21.13 -14.35
C ALA A 313 8.81 20.95 -13.30
N PRO A 314 9.61 22.01 -13.06
CA PRO A 314 9.51 23.33 -13.72
C PRO A 314 10.58 23.59 -14.75
N ASP A 315 10.38 24.61 -15.58
CA ASP A 315 11.42 24.96 -16.54
C ASP A 315 12.51 25.78 -15.79
N LEU A 316 13.59 26.14 -16.48
CA LEU A 316 14.68 26.86 -15.81
C LEU A 316 14.31 28.15 -15.07
N LEU A 317 13.58 29.06 -15.72
CA LEU A 317 13.22 30.31 -15.07
C LEU A 317 12.36 30.09 -13.84
N THR A 318 11.40 29.16 -13.92
CA THR A 318 10.55 28.90 -12.78
C THR A 318 11.39 28.41 -11.59
N GLN A 319 12.37 27.55 -11.87
CA GLN A 319 13.24 27.05 -10.79
C GLN A 319 14.00 28.26 -10.19
N LEU A 320 14.58 29.07 -11.07
CA LEU A 320 15.34 30.25 -10.64
C LEU A 320 14.49 31.22 -9.81
N SER A 321 13.21 31.36 -10.16
CA SER A 321 12.31 32.26 -9.41
C SER A 321 12.25 31.97 -7.94
N GLY A 322 12.60 30.75 -7.54
CA GLY A 322 12.57 30.39 -6.13
C GLY A 322 13.88 30.65 -5.36
N SER A 323 14.83 31.35 -6.00
CA SER A 323 16.09 31.65 -5.32
C SER A 323 15.80 32.39 -4.03
N LYS A 324 16.53 32.05 -2.97
CA LYS A 324 16.37 32.68 -1.68
C LYS A 324 16.47 34.21 -1.81
N LYS A 325 17.35 34.67 -2.70
CA LYS A 325 17.56 36.09 -2.93
C LYS A 325 16.24 36.76 -3.33
N ILE A 326 15.57 36.16 -4.31
CA ILE A 326 14.28 36.67 -4.79
C ILE A 326 13.24 36.63 -3.68
N GLN A 327 13.26 35.55 -2.89
CA GLN A 327 12.32 35.44 -1.78
C GLN A 327 12.56 36.63 -0.84
N GLN A 328 13.83 36.95 -0.61
CA GLN A 328 14.17 38.07 0.27
C GLN A 328 13.68 39.38 -0.35
N LEU A 329 13.91 39.56 -1.65
CA LEU A 329 13.47 40.77 -2.33
C LEU A 329 11.96 40.97 -2.21
N LEU A 330 11.22 39.89 -2.28
CA LEU A 330 9.76 39.97 -2.20
C LEU A 330 9.22 40.35 -0.84
N THR A 331 10.07 40.40 0.18
CA THR A 331 9.63 40.81 1.52
C THR A 331 9.60 42.33 1.57
N ASP A 332 10.04 42.97 0.49
CA ASP A 332 10.03 44.42 0.43
C ASP A 332 8.72 44.86 -0.24
N GLU A 333 7.86 45.51 0.55
CA GLU A 333 6.55 45.99 0.08
C GLU A 333 6.60 46.64 -1.31
N GLY A 334 7.66 47.42 -1.56
CA GLY A 334 7.80 48.09 -2.85
C GLY A 334 7.98 47.12 -3.99
N VAL A 335 8.81 46.11 -3.78
CA VAL A 335 9.08 45.09 -4.78
C VAL A 335 7.82 44.25 -5.01
N LEU A 336 7.19 43.83 -3.92
CA LEU A 336 5.99 43.01 -3.98
C LEU A 336 4.93 43.75 -4.79
N GLY A 337 4.72 45.02 -4.47
CA GLY A 337 3.72 45.82 -5.14
C GLY A 337 3.84 45.83 -6.64
N LYS A 338 5.05 45.64 -7.15
CA LYS A 338 5.26 45.63 -8.59
C LYS A 338 4.62 44.42 -9.26
N TYR A 339 4.38 43.36 -8.48
CA TYR A 339 3.80 42.15 -9.04
C TYR A 339 2.38 41.88 -8.58
N ILE A 340 1.94 42.61 -7.55
CA ILE A 340 0.60 42.45 -7.02
C ILE A 340 0.01 43.82 -6.71
N SER A 341 -1.07 44.18 -7.42
CA SER A 341 -1.70 45.47 -7.22
C SER A 341 -2.70 45.50 -6.07
N ASP A 342 -3.57 44.49 -6.02
CA ASP A 342 -4.59 44.43 -4.98
C ASP A 342 -4.04 44.61 -3.57
N ALA A 343 -4.56 45.62 -2.87
CA ALA A 343 -4.12 45.91 -1.51
C ALA A 343 -4.41 44.74 -0.56
N GLU A 344 -5.55 44.08 -0.75
CA GLU A 344 -5.91 42.96 0.10
C GLU A 344 -4.96 41.77 -0.06
N LYS A 345 -4.71 41.36 -1.29
CA LYS A 345 -3.81 40.23 -1.54
C LYS A 345 -2.40 40.58 -1.05
N LYS A 346 -1.96 41.81 -1.32
CA LYS A 346 -0.63 42.27 -0.91
C LYS A 346 -0.46 42.15 0.62
N SER A 347 -1.44 42.64 1.36
CA SER A 347 -1.36 42.59 2.82
C SER A 347 -1.40 41.14 3.37
N SER A 348 -2.10 40.25 2.68
CA SER A 348 -2.18 38.84 3.14
C SER A 348 -0.82 38.16 3.05
N LEU A 349 -0.07 38.48 2.01
CA LEU A 349 1.25 37.91 1.83
C LEU A 349 2.28 38.46 2.82
N LEU A 350 2.38 39.77 2.89
CA LEU A 350 3.34 40.45 3.79
C LEU A 350 3.17 40.03 5.25
N LYS A 351 1.92 39.70 5.61
N LYS A 351 1.92 39.70 5.59
CA LYS A 351 1.57 39.27 6.95
CA LYS A 351 1.51 39.26 6.92
C LYS A 351 2.34 38.01 7.33
C LYS A 351 2.31 38.01 7.32
N THR A 352 2.59 37.16 6.34
CA THR A 352 3.31 35.93 6.56
C THR A 352 4.83 36.08 6.50
N PHE A 353 5.32 37.21 6.02
CA PHE A 353 6.76 37.39 5.90
C PHE A 353 7.46 37.83 7.18
N VAL A 354 8.67 37.33 7.37
CA VAL A 354 9.50 37.69 8.51
C VAL A 354 9.99 39.12 8.23
N LYS A 355 9.52 40.07 9.05
CA LYS A 355 9.88 41.47 8.87
C LYS A 355 11.31 41.87 9.27
N ILE A 356 11.90 42.74 8.46
CA ILE A 356 13.23 43.27 8.71
C ILE A 356 13.13 44.78 8.55
N TYR A 357 13.75 45.54 9.45
CA TYR A 357 13.68 46.99 9.40
C TYR A 357 15.03 47.64 9.53
N PRO A 358 15.24 48.78 8.84
CA PRO A 358 16.52 49.51 8.93
C PRO A 358 16.30 50.40 10.15
N LEU A 359 17.36 51.02 10.67
CA LEU A 359 17.21 51.89 11.82
C LEU A 359 17.67 53.31 11.51
N ASP A 360 17.26 53.84 10.36
CA ASP A 360 17.61 55.19 9.95
C ASP A 360 16.35 56.04 10.04
N ASP A 361 16.37 57.21 9.41
CA ASP A 361 15.21 58.10 9.47
C ASP A 361 14.30 58.07 8.28
N THR A 362 14.40 57.02 7.47
CA THR A 362 13.52 56.86 6.34
C THR A 362 12.18 56.47 6.95
N LYS A 363 11.14 56.39 6.15
CA LYS A 363 9.84 56.03 6.70
C LYS A 363 9.91 54.68 7.43
N LEU A 364 10.41 53.65 6.75
CA LEU A 364 10.51 52.32 7.36
C LEU A 364 11.44 52.33 8.56
N GLY A 365 12.53 53.09 8.45
CA GLY A 365 13.50 53.17 9.53
C GLY A 365 12.93 53.77 10.81
N ARG A 366 12.02 54.72 10.68
CA ARG A 366 11.42 55.33 11.87
C ARG A 366 10.56 54.28 12.56
N GLU A 367 9.92 53.44 11.76
CA GLU A 367 9.07 52.39 12.30
C GLU A 367 9.98 51.41 13.00
N GLY A 368 11.13 51.13 12.39
CA GLY A 368 12.08 50.19 12.99
C GLY A 368 12.49 50.64 14.40
N LYS A 369 12.90 51.90 14.51
CA LYS A 369 13.29 52.41 15.79
C LYS A 369 12.15 52.35 16.82
N ARG A 370 10.94 52.67 16.41
CA ARG A 370 9.81 52.62 17.33
C ARG A 370 9.53 51.20 17.83
N LEU A 371 9.69 50.22 16.96
CA LEU A 371 9.46 48.83 17.37
C LEU A 371 10.60 48.31 18.26
N ALA A 372 11.84 48.70 17.94
CA ALA A 372 12.98 48.24 18.73
C ALA A 372 12.84 48.64 20.21
N LEU A 373 12.23 49.79 20.47
CA LEU A 373 12.06 50.24 21.85
C LEU A 373 10.71 49.93 22.48
N SER A 374 9.70 49.66 21.66
CA SER A 374 8.37 49.36 22.22
C SER A 374 8.11 47.85 22.38
N GLU A 375 8.62 47.04 21.45
CA GLU A 375 8.44 45.58 21.51
C GLU A 375 9.74 44.86 21.19
N PRO A 376 10.80 45.12 21.96
CA PRO A 376 12.11 44.48 21.73
C PRO A 376 12.12 42.95 21.72
N SER A 377 11.34 42.32 22.58
CA SER A 377 11.33 40.85 22.67
C SER A 377 10.96 40.15 21.38
N LYS A 378 10.40 40.89 20.43
CA LYS A 378 10.01 40.31 19.14
C LYS A 378 11.16 40.29 18.15
N TYR A 379 12.30 40.87 18.51
CA TYR A 379 13.38 40.98 17.53
C TYR A 379 14.79 40.66 17.97
N VAL A 380 15.67 40.70 16.97
CA VAL A 380 17.08 40.49 17.16
C VAL A 380 17.74 41.63 16.36
N LEU A 381 18.79 42.21 16.94
CA LEU A 381 19.52 43.30 16.31
C LEU A 381 20.79 42.71 15.68
N LYS A 382 20.85 42.71 14.35
CA LYS A 382 22.02 42.16 13.67
C LYS A 382 22.85 43.23 12.97
N PRO A 383 24.17 43.06 12.95
CA PRO A 383 25.03 44.05 12.29
C PRO A 383 24.96 43.88 10.77
N GLN A 384 25.10 44.99 10.04
CA GLN A 384 25.09 44.93 8.58
C GLN A 384 26.51 44.70 8.09
N GLY A 389 29.68 43.45 16.70
CA GLY A 389 29.90 42.21 15.91
C GLY A 389 28.85 41.15 16.18
N ASN A 390 28.47 41.01 17.45
CA ASN A 390 27.45 40.03 17.83
C ASN A 390 26.05 40.58 17.64
N ASN A 391 25.07 39.69 17.57
CA ASN A 391 23.69 40.13 17.45
C ASN A 391 23.27 40.47 18.88
N VAL A 392 22.22 41.28 19.04
CA VAL A 392 21.72 41.64 20.35
C VAL A 392 20.28 41.16 20.37
N TYR A 393 19.96 40.27 21.30
CA TYR A 393 18.64 39.69 21.36
C TYR A 393 17.60 40.25 22.31
N LYS A 394 16.39 40.37 21.76
CA LYS A 394 15.21 40.78 22.48
C LYS A 394 15.32 41.90 23.52
N GLU A 395 15.07 41.55 24.78
CA GLU A 395 15.09 42.48 25.90
C GLU A 395 16.40 43.25 26.11
N ASN A 396 17.49 42.82 25.47
CA ASN A 396 18.76 43.55 25.63
C ASN A 396 18.89 44.68 24.61
N ILE A 397 18.01 44.71 23.64
CA ILE A 397 18.05 45.74 22.59
C ILE A 397 18.00 47.21 23.04
N PRO A 398 16.97 47.59 23.83
CA PRO A 398 16.91 48.99 24.27
C PRO A 398 18.19 49.48 24.95
N ASN A 399 18.61 48.78 25.99
CA ASN A 399 19.81 49.16 26.71
C ASN A 399 21.02 49.31 25.79
N PHE A 400 21.16 48.38 24.85
CA PHE A 400 22.26 48.42 23.92
C PHE A 400 22.21 49.68 23.07
N LEU A 401 21.04 49.97 22.48
CA LEU A 401 20.90 51.16 21.63
C LEU A 401 21.07 52.46 22.44
N LYS A 402 20.75 52.42 23.72
CA LYS A 402 20.88 53.61 24.56
C LYS A 402 22.36 54.04 24.68
N GLY A 403 23.26 53.08 24.47
CA GLY A 403 24.67 53.38 24.56
C GLY A 403 25.31 53.76 23.23
N ILE A 404 24.47 53.91 22.20
CA ILE A 404 24.94 54.30 20.88
C ILE A 404 24.15 55.48 20.41
N GLU A 405 24.80 56.42 19.77
CA GLU A 405 24.09 57.62 19.28
C GLU A 405 23.01 57.19 18.27
N GLU A 406 21.85 57.74 18.28
CA GLU A 406 20.86 57.31 17.34
C GLU A 406 21.32 57.37 15.86
N ARG A 407 22.20 58.32 15.56
CA ARG A 407 22.71 58.49 14.20
C ARG A 407 23.50 57.28 13.69
N HIS A 408 24.06 56.48 14.62
CA HIS A 408 24.84 55.31 14.23
C HIS A 408 24.05 54.00 14.34
N TRP A 409 22.77 54.08 14.68
CA TRP A 409 21.95 52.88 14.82
C TRP A 409 21.81 52.09 13.54
N ASP A 410 21.90 52.76 12.40
CA ASP A 410 21.75 52.07 11.12
C ASP A 410 22.96 51.22 10.79
N ALA A 411 23.79 50.96 11.79
CA ALA A 411 24.95 50.10 11.63
C ALA A 411 24.38 48.69 11.79
N TYR A 412 23.15 48.65 12.30
CA TYR A 412 22.42 47.41 12.51
C TYR A 412 21.06 47.42 11.81
N ILE A 413 20.42 46.26 11.76
CA ILE A 413 19.08 46.14 11.21
C ILE A 413 18.27 45.40 12.27
N LEU A 414 16.96 45.61 12.28
CA LEU A 414 16.11 44.94 13.24
C LEU A 414 15.39 43.81 12.51
N MET A 415 15.55 42.58 13.00
CA MET A 415 14.91 41.45 12.35
C MET A 415 13.93 40.73 13.24
N GLU A 416 12.77 40.41 12.67
N GLU A 416 12.79 40.41 12.66
CA GLU A 416 11.72 39.71 13.39
CA GLU A 416 11.71 39.70 13.35
C GLU A 416 12.19 38.31 13.72
C GLU A 416 12.16 38.29 13.70
N LEU A 417 11.90 37.88 14.94
CA LEU A 417 12.29 36.55 15.41
C LEU A 417 11.07 35.62 15.39
N ILE A 418 11.26 34.39 14.94
CA ILE A 418 10.19 33.40 14.91
C ILE A 418 10.35 32.49 16.12
N GLU A 419 9.32 32.43 16.94
CA GLU A 419 9.36 31.58 18.13
C GLU A 419 8.19 30.60 17.96
N PRO A 420 8.47 29.46 17.33
CA PRO A 420 7.53 28.38 17.03
C PRO A 420 6.95 27.67 18.23
N GLU A 421 5.77 27.10 18.03
N GLU A 421 5.75 27.11 18.04
CA GLU A 421 5.06 26.36 19.06
CA GLU A 421 5.07 26.39 19.10
C GLU A 421 5.66 24.97 19.15
C GLU A 421 5.65 24.98 19.17
N LEU A 422 6.31 24.68 20.27
CA LEU A 422 6.92 23.37 20.47
C LEU A 422 5.89 22.37 20.98
N ASN A 423 5.94 21.17 20.42
CA ASN A 423 5.03 20.11 20.83
C ASN A 423 5.87 19.22 21.73
N GLU A 424 5.45 19.07 22.97
CA GLU A 424 6.18 18.22 23.91
C GLU A 424 5.48 16.89 24.11
N ASN A 425 4.24 16.78 23.62
CA ASN A 425 3.46 15.55 23.80
C ASN A 425 3.35 14.63 22.58
N ASN A 426 4.45 14.38 21.89
CA ASN A 426 4.40 13.50 20.73
C ASN A 426 5.58 12.53 20.77
N ILE A 427 5.45 11.41 20.05
CA ILE A 427 6.50 10.41 20.00
C ILE A 427 6.96 10.19 18.56
N ILE A 428 8.26 10.25 18.34
CA ILE A 428 8.81 10.04 17.00
C ILE A 428 9.32 8.62 16.86
N LEU A 429 8.78 7.92 15.87
CA LEU A 429 9.16 6.54 15.59
C LEU A 429 10.14 6.49 14.45
N ARG A 430 11.32 5.93 14.73
CA ARG A 430 12.34 5.84 13.71
C ARG A 430 13.13 4.55 13.94
N ASP A 431 13.15 3.67 12.90
N ASP A 431 13.08 3.70 12.92
CA ASP A 431 13.90 2.42 13.02
CA ASP A 431 13.76 2.41 12.90
C ASP A 431 13.42 1.59 14.21
C ASP A 431 13.40 1.56 14.11
N ASN A 432 12.11 1.57 14.44
CA ASN A 432 11.55 0.82 15.56
C ASN A 432 11.89 1.38 16.96
N LYS A 433 12.59 2.52 16.99
CA LYS A 433 12.91 3.16 18.26
C LYS A 433 11.98 4.36 18.42
N SER A 434 11.50 4.57 19.63
CA SER A 434 10.62 5.71 19.87
C SER A 434 11.31 6.80 20.69
N TYR A 435 11.07 8.05 20.32
CA TYR A 435 11.66 9.18 21.01
C TYR A 435 10.57 10.15 21.47
N ASN A 436 10.58 10.45 22.76
CA ASN A 436 9.59 11.35 23.35
C ASN A 436 10.22 12.71 23.71
N GLU A 437 10.75 13.40 22.72
CA GLU A 437 11.36 14.70 22.96
C GLU A 437 10.59 15.83 22.29
N PRO A 438 10.86 17.08 22.70
CA PRO A 438 10.18 18.26 22.15
C PRO A 438 10.42 18.39 20.63
N ILE A 439 9.35 18.67 19.90
CA ILE A 439 9.50 18.81 18.46
C ILE A 439 8.93 20.11 17.90
N ILE A 440 9.59 20.61 16.87
CA ILE A 440 9.16 21.82 16.18
C ILE A 440 8.59 21.32 14.85
N SER A 441 7.48 21.90 14.41
CA SER A 441 6.87 21.45 13.17
C SER A 441 6.76 22.52 12.10
N GLU A 442 7.00 22.12 10.86
CA GLU A 442 6.92 22.99 9.70
C GLU A 442 5.69 22.61 8.86
N LEU A 443 4.80 23.56 8.60
CA LEU A 443 3.61 23.32 7.80
C LEU A 443 3.90 23.56 6.31
N GLY A 444 3.63 22.53 5.49
CA GLY A 444 3.85 22.63 4.07
C GLY A 444 2.55 22.68 3.29
N ILE A 445 2.44 23.60 2.35
CA ILE A 445 1.25 23.73 1.52
C ILE A 445 1.62 23.60 0.02
N TYR A 446 1.15 22.54 -0.62
CA TYR A 446 1.45 22.31 -2.02
C TYR A 446 0.58 23.20 -2.87
N GLY A 447 1.08 23.57 -4.04
CA GLY A 447 0.34 24.42 -4.95
C GLY A 447 0.75 24.10 -6.38
N CYS A 448 -0.20 24.18 -7.30
N CYS A 448 -0.21 24.19 -7.29
CA CYS A 448 0.11 23.90 -8.70
CA CYS A 448 0.02 23.91 -8.70
C CYS A 448 -0.44 25.00 -9.59
C CYS A 448 -0.46 25.06 -9.57
N VAL A 449 0.37 25.44 -10.54
CA VAL A 449 0.00 26.51 -11.46
C VAL A 449 0.52 26.29 -12.87
N LEU A 450 -0.40 26.35 -13.82
CA LEU A 450 -0.06 26.17 -15.25
C LEU A 450 -0.16 27.56 -15.87
N PHE A 451 0.92 27.99 -16.50
CA PHE A 451 0.92 29.34 -17.09
C PHE A 451 1.79 29.41 -18.33
N ASN A 452 1.54 30.41 -19.16
CA ASN A 452 2.34 30.61 -20.38
C ASN A 452 3.12 31.93 -20.27
N ASP A 453 3.33 32.60 -21.41
CA ASP A 453 4.09 33.84 -21.40
C ASP A 453 3.44 35.01 -20.64
N GLU A 454 2.12 35.15 -20.74
CA GLU A 454 1.46 36.27 -20.09
C GLU A 454 0.29 35.95 -19.18
N GLN A 455 -0.25 34.75 -19.29
CA GLN A 455 -1.40 34.39 -18.48
C GLN A 455 -1.23 33.12 -17.65
N VAL A 456 -2.07 33.01 -16.63
CA VAL A 456 -2.11 31.85 -15.76
C VAL A 456 -3.33 31.08 -16.27
N LEU A 457 -3.15 29.81 -16.62
CA LEU A 457 -4.24 29.01 -17.13
C LEU A 457 -4.90 28.14 -16.07
N SER A 458 -4.14 27.76 -15.03
CA SER A 458 -4.65 26.92 -13.96
C SER A 458 -3.86 27.22 -12.67
N ASN A 459 -4.58 27.44 -11.57
CA ASN A 459 -3.97 27.81 -10.29
C ASN A 459 -4.76 27.12 -9.18
N GLU A 460 -4.14 26.15 -8.53
CA GLU A 460 -4.85 25.41 -7.48
C GLU A 460 -4.03 25.08 -6.21
N PHE A 461 -4.76 24.91 -5.11
CA PHE A 461 -4.18 24.50 -3.84
C PHE A 461 -4.00 22.98 -4.06
N SER A 462 -2.86 22.40 -3.65
CA SER A 462 -2.65 20.97 -3.91
C SER A 462 -2.38 20.05 -2.75
N GLY A 463 -2.83 20.43 -1.55
CA GLY A 463 -2.60 19.57 -0.40
C GLY A 463 -1.71 20.18 0.65
N SER A 464 -1.54 19.45 1.75
CA SER A 464 -0.71 19.89 2.86
C SER A 464 0.28 18.82 3.30
N LEU A 465 1.25 19.22 4.10
CA LEU A 465 2.28 18.34 4.63
C LEU A 465 2.67 18.90 6.01
N LEU A 466 3.16 18.03 6.88
CA LEU A 466 3.65 18.47 8.18
C LEU A 466 4.84 17.62 8.54
N ARG A 467 5.97 18.28 8.75
CA ARG A 467 7.19 17.60 9.10
C ARG A 467 7.75 18.19 10.38
N SER A 468 8.23 17.32 11.27
CA SER A 468 8.78 17.71 12.54
C SER A 468 10.24 17.32 12.65
N LYS A 469 10.97 17.95 13.57
CA LYS A 469 12.39 17.64 13.76
C LYS A 469 12.80 17.81 15.21
N GLY A 483 14.56 14.53 11.17
CA GLY A 483 13.18 14.93 10.77
C GLY A 483 12.27 13.72 10.54
N CYS A 484 10.98 14.00 10.42
CA CYS A 484 10.04 12.94 10.19
C CYS A 484 8.67 13.49 9.78
N LEU A 485 7.85 12.63 9.20
CA LEU A 485 6.51 12.99 8.77
C LEU A 485 5.58 13.00 9.96
N ASP A 486 4.69 13.99 9.97
CA ASP A 486 3.73 14.17 11.06
C ASP A 486 2.36 14.46 10.44
N SER A 487 1.31 14.52 11.23
CA SER A 487 -0.01 14.83 10.69
C SER A 487 -0.61 15.96 11.53
N ILE A 488 -1.64 16.60 10.99
CA ILE A 488 -2.27 17.74 11.64
C ILE A 488 -3.59 17.50 12.36
N ILE A 489 -3.70 18.07 13.55
CA ILE A 489 -4.94 18.02 14.32
C ILE A 489 -5.27 19.49 14.61
N LEU A 490 -6.39 19.96 14.07
CA LEU A 490 -6.82 21.35 14.23
C LEU A 490 -7.52 21.65 15.55
N TYR A 491 -7.18 22.79 16.16
CA TYR A 491 -7.83 23.22 17.40
C TYR A 491 -8.24 24.70 17.33
N PRO B 5 11.22 -14.44 -24.11
CA PRO B 5 12.11 -14.13 -22.97
C PRO B 5 12.59 -12.68 -23.07
N PRO B 6 12.33 -11.87 -22.03
CA PRO B 6 12.77 -10.48 -22.07
C PRO B 6 14.30 -10.38 -22.09
N SER B 7 14.83 -9.38 -22.77
CA SER B 7 16.27 -9.19 -22.84
C SER B 7 16.75 -8.92 -21.42
N LYS B 8 18.04 -9.15 -21.18
CA LYS B 8 18.61 -8.93 -19.84
C LYS B 8 18.20 -7.58 -19.23
N ASP B 9 18.29 -6.52 -20.02
CA ASP B 9 17.94 -5.20 -19.54
C ASP B 9 16.43 -4.99 -19.41
N GLN B 10 15.66 -5.62 -20.28
N GLN B 10 15.67 -5.61 -20.28
CA GLN B 10 14.21 -5.50 -20.22
CA GLN B 10 14.21 -5.51 -20.22
C GLN B 10 13.73 -6.18 -18.94
C GLN B 10 13.74 -6.16 -18.93
N LEU B 11 14.43 -7.22 -18.53
CA LEU B 11 14.11 -7.98 -17.32
C LEU B 11 14.51 -7.25 -16.04
N ASN B 12 15.70 -6.66 -16.04
CA ASN B 12 16.17 -5.93 -14.86
C ASN B 12 15.24 -4.73 -14.60
N GLU B 13 14.77 -4.11 -15.67
CA GLU B 13 13.87 -2.97 -15.54
C GLU B 13 12.52 -3.45 -15.02
N LEU B 14 12.09 -4.61 -15.48
CA LEU B 14 10.83 -5.17 -15.08
C LEU B 14 10.91 -5.58 -13.60
N ILE B 15 12.08 -6.07 -13.18
CA ILE B 15 12.28 -6.46 -11.79
C ILE B 15 12.24 -5.25 -10.87
N GLN B 16 12.79 -4.14 -11.35
CA GLN B 16 12.81 -2.89 -10.58
C GLN B 16 11.35 -2.36 -10.47
N GLU B 17 10.60 -2.49 -11.55
CA GLU B 17 9.20 -2.05 -11.57
C GLU B 17 8.41 -2.87 -10.56
N VAL B 18 8.67 -4.17 -10.51
CA VAL B 18 8.00 -5.07 -9.59
C VAL B 18 8.29 -4.70 -8.15
N ASN B 19 9.57 -4.54 -7.80
CA ASN B 19 9.93 -4.17 -6.42
C ASN B 19 9.29 -2.87 -5.98
N GLN B 20 9.38 -1.85 -6.84
CA GLN B 20 8.80 -0.55 -6.56
C GLN B 20 7.27 -0.65 -6.37
N TRP B 21 6.57 -1.27 -7.29
CA TRP B 21 5.12 -1.39 -7.15
C TRP B 21 4.75 -2.19 -5.90
N ALA B 22 5.37 -3.34 -5.73
CA ALA B 22 5.10 -4.22 -4.59
C ALA B 22 5.30 -3.56 -3.23
N ILE B 23 6.42 -2.84 -3.04
CA ILE B 23 6.68 -2.17 -1.76
C ILE B 23 5.67 -1.05 -1.54
N THR B 24 5.40 -0.29 -2.59
CA THR B 24 4.46 0.80 -2.50
C THR B 24 3.06 0.28 -2.15
N ASN B 25 2.77 -0.95 -2.56
CA ASN B 25 1.45 -1.55 -2.31
C ASN B 25 1.39 -2.57 -1.20
N GLY B 26 2.48 -2.78 -0.48
CA GLY B 26 2.47 -3.72 0.63
C GLY B 26 2.41 -5.19 0.26
N LEU B 27 2.83 -5.53 -0.95
CA LEU B 27 2.84 -6.94 -1.37
C LEU B 27 4.14 -7.46 -0.73
N SER B 28 4.10 -7.62 0.59
CA SER B 28 5.30 -7.99 1.30
C SER B 28 5.19 -9.02 2.42
N MET B 29 6.35 -9.39 2.97
N MET B 29 6.35 -9.35 2.98
CA MET B 29 6.42 -10.34 4.06
CA MET B 29 6.43 -10.33 4.06
C MET B 29 7.67 -10.06 4.88
C MET B 29 7.66 -10.02 4.89
N TYR B 30 7.67 -10.51 6.12
CA TYR B 30 8.81 -10.30 7.01
C TYR B 30 9.82 -11.39 6.68
N PRO B 31 11.12 -11.04 6.66
CA PRO B 31 12.19 -12.00 6.38
C PRO B 31 12.41 -12.83 7.66
N PRO B 32 13.23 -13.88 7.59
CA PRO B 32 13.46 -14.68 8.81
C PRO B 32 14.12 -13.80 9.87
N LYS B 33 13.74 -13.99 11.13
CA LYS B 33 14.30 -13.22 12.24
C LYS B 33 13.98 -11.73 12.20
N PHE B 34 12.82 -11.38 11.63
CA PHE B 34 12.41 -9.97 11.56
C PHE B 34 12.25 -9.39 12.96
N GLU B 35 12.10 -10.25 13.96
CA GLU B 35 11.93 -9.82 15.36
C GLU B 35 12.95 -8.75 15.74
N GLU B 36 14.16 -8.89 15.21
CA GLU B 36 15.23 -7.96 15.47
C GLU B 36 14.91 -6.53 15.03
N ASN B 37 14.17 -6.39 13.92
CA ASN B 37 13.80 -5.06 13.43
C ASN B 37 12.54 -5.19 12.58
N PRO B 38 11.37 -5.14 13.21
CA PRO B 38 10.05 -5.26 12.56
C PRO B 38 9.66 -4.04 11.71
N SER B 39 10.57 -3.10 11.50
CA SER B 39 10.25 -1.93 10.71
C SER B 39 10.74 -2.11 9.27
N ASN B 40 11.28 -3.30 9.00
N ASN B 40 11.27 -3.29 8.98
CA ASN B 40 11.77 -3.64 7.65
CA ASN B 40 11.76 -3.58 7.64
C ASN B 40 11.07 -4.87 7.09
C ASN B 40 11.12 -4.85 7.08
N ALA B 41 10.66 -4.78 5.83
CA ALA B 41 9.99 -5.89 5.18
C ALA B 41 10.49 -6.08 3.75
N SER B 42 10.29 -7.28 3.21
CA SER B 42 10.74 -7.60 1.86
C SER B 42 9.57 -7.96 0.94
N VAL B 43 9.81 -7.82 -0.35
CA VAL B 43 8.80 -8.15 -1.35
C VAL B 43 8.53 -9.66 -1.34
N SER B 44 7.26 -10.03 -1.41
N SER B 44 7.26 -10.04 -1.39
CA SER B 44 6.87 -11.44 -1.41
CA SER B 44 6.91 -11.46 -1.37
C SER B 44 7.32 -12.11 -2.72
C SER B 44 7.34 -12.10 -2.69
N PRO B 45 7.65 -13.40 -2.66
CA PRO B 45 8.07 -14.09 -3.88
C PRO B 45 6.90 -14.11 -4.86
N VAL B 46 7.17 -13.73 -6.10
CA VAL B 46 6.12 -13.69 -7.12
C VAL B 46 6.65 -13.96 -8.52
N THR B 47 5.75 -14.31 -9.41
CA THR B 47 6.10 -14.52 -10.79
C THR B 47 6.03 -13.13 -11.43
N ILE B 48 6.70 -12.95 -12.56
CA ILE B 48 6.73 -11.68 -13.25
C ILE B 48 5.50 -11.58 -14.17
N TYR B 49 5.16 -12.70 -14.81
CA TYR B 49 4.03 -12.77 -15.68
C TYR B 49 2.90 -13.65 -15.11
N PRO B 50 1.70 -13.57 -15.71
CA PRO B 50 0.58 -14.39 -15.26
C PRO B 50 0.72 -15.77 -15.90
N THR B 51 0.15 -16.79 -15.26
CA THR B 51 0.22 -18.15 -15.81
C THR B 51 -1.09 -18.50 -16.50
N PRO B 52 -1.02 -19.11 -17.70
CA PRO B 52 -2.19 -19.50 -18.48
C PRO B 52 -3.03 -20.61 -17.82
N ILE B 53 -4.34 -20.39 -17.75
CA ILE B 53 -5.27 -21.33 -17.15
C ILE B 53 -6.51 -21.36 -18.05
N PRO B 54 -7.04 -22.55 -18.36
CA PRO B 54 -8.23 -22.62 -19.20
C PRO B 54 -9.43 -21.94 -18.56
N ARG B 55 -10.08 -21.05 -19.33
CA ARG B 55 -11.25 -20.34 -18.85
C ARG B 55 -12.29 -21.33 -18.35
N LYS B 56 -12.48 -22.40 -19.11
CA LYS B 56 -13.46 -23.44 -18.74
C LYS B 56 -13.13 -24.06 -17.36
N CYS B 57 -11.86 -24.35 -17.13
CA CYS B 57 -11.45 -24.91 -15.86
C CYS B 57 -11.64 -23.92 -14.72
N PHE B 58 -11.32 -22.66 -14.95
CA PHE B 58 -11.47 -21.63 -13.94
C PHE B 58 -12.92 -21.42 -13.57
N ASP B 59 -13.81 -21.39 -14.55
CA ASP B 59 -15.24 -21.21 -14.29
C ASP B 59 -15.84 -22.39 -13.53
N GLU B 60 -15.44 -23.61 -13.89
CA GLU B 60 -15.95 -24.78 -13.16
C GLU B 60 -15.53 -24.72 -11.68
N ALA B 61 -14.27 -24.29 -11.44
CA ALA B 61 -13.74 -24.20 -10.08
C ALA B 61 -14.52 -23.19 -9.26
N VAL B 62 -14.76 -22.03 -9.85
CA VAL B 62 -15.53 -20.99 -9.18
C VAL B 62 -16.95 -21.49 -8.90
N GLN B 63 -17.56 -22.08 -9.91
CA GLN B 63 -18.94 -22.56 -9.83
C GLN B 63 -19.20 -23.64 -8.79
N ILE B 64 -18.26 -24.57 -8.62
CA ILE B 64 -18.47 -25.65 -7.66
C ILE B 64 -18.12 -25.34 -6.21
N GLN B 65 -17.39 -24.25 -5.97
CA GLN B 65 -17.02 -23.91 -4.59
C GLN B 65 -18.20 -23.99 -3.60
N PRO B 66 -19.34 -23.34 -3.93
CA PRO B 66 -20.51 -23.38 -3.06
C PRO B 66 -20.96 -24.80 -2.72
N VAL B 67 -20.80 -25.71 -3.68
CA VAL B 67 -21.17 -27.12 -3.47
C VAL B 67 -20.20 -27.77 -2.46
N PHE B 68 -18.92 -27.44 -2.55
CA PHE B 68 -17.94 -27.95 -1.60
C PHE B 68 -18.19 -27.34 -0.23
N ASN B 69 -18.44 -26.02 -0.18
CA ASN B 69 -18.71 -25.36 1.11
C ASN B 69 -19.86 -26.10 1.81
N GLU B 70 -20.92 -26.35 1.07
CA GLU B 70 -22.11 -27.00 1.63
C GLU B 70 -21.83 -28.46 2.06
N LEU B 71 -21.01 -29.16 1.29
CA LEU B 71 -20.66 -30.55 1.60
C LEU B 71 -19.95 -30.62 2.96
N TYR B 72 -18.93 -29.78 3.14
CA TYR B 72 -18.20 -29.77 4.41
C TYR B 72 -19.01 -29.18 5.58
N ALA B 73 -19.96 -28.30 5.27
CA ALA B 73 -20.81 -27.78 6.32
C ALA B 73 -21.74 -28.91 6.80
N ARG B 74 -22.25 -29.70 5.86
CA ARG B 74 -23.15 -30.79 6.19
C ARG B 74 -22.38 -31.86 6.96
N ILE B 75 -21.13 -32.14 6.55
CA ILE B 75 -20.32 -33.13 7.22
C ILE B 75 -20.19 -32.69 8.68
N THR B 76 -19.86 -31.43 8.87
CA THR B 76 -19.69 -30.89 10.21
C THR B 76 -20.97 -31.02 11.05
N GLN B 77 -22.12 -30.71 10.44
CA GLN B 77 -23.40 -30.82 11.15
C GLN B 77 -23.69 -32.27 11.49
N ASP B 78 -23.30 -33.18 10.61
CA ASP B 78 -23.53 -34.60 10.85
C ASP B 78 -22.62 -35.07 11.98
N MET B 79 -21.38 -34.59 11.99
CA MET B 79 -20.44 -34.94 13.04
C MET B 79 -20.90 -34.37 14.37
N ALA B 80 -21.68 -33.28 14.30
CA ALA B 80 -22.19 -32.61 15.50
C ALA B 80 -23.32 -33.36 16.23
N GLN B 81 -23.96 -34.29 15.53
CA GLN B 81 -25.04 -35.06 16.16
C GLN B 81 -24.44 -36.31 16.80
N PRO B 82 -24.71 -36.52 18.10
CA PRO B 82 -24.20 -37.66 18.89
C PRO B 82 -24.50 -39.05 18.34
N ASP B 83 -25.78 -39.35 18.11
CA ASP B 83 -26.18 -40.65 17.61
C ASP B 83 -25.79 -40.88 16.16
N SER B 84 -25.18 -39.87 15.53
CA SER B 84 -24.75 -39.99 14.14
C SER B 84 -23.54 -40.91 14.07
N TYR B 85 -23.50 -41.76 13.04
CA TYR B 85 -22.38 -42.68 12.88
C TYR B 85 -21.11 -41.92 12.51
N LEU B 86 -21.29 -40.74 11.92
CA LEU B 86 -20.15 -39.92 11.52
C LEU B 86 -19.63 -39.10 12.70
N GLU B 99 -1.84 -38.13 16.48
CA GLU B 99 -1.95 -37.62 17.90
C GLU B 99 -2.61 -36.23 17.95
N PHE B 100 -2.20 -35.35 17.04
CA PHE B 100 -2.72 -33.98 16.94
C PHE B 100 -4.24 -34.04 16.88
N THR B 101 -4.76 -34.88 16.01
CA THR B 101 -6.21 -35.08 15.83
C THR B 101 -6.87 -35.54 17.12
N GLY B 102 -6.18 -36.41 17.85
CA GLY B 102 -6.72 -36.91 19.10
C GLY B 102 -6.85 -35.79 20.12
N LYS B 103 -5.86 -34.90 20.12
CA LYS B 103 -5.88 -33.76 21.03
C LYS B 103 -7.06 -32.83 20.67
N LEU B 104 -7.23 -32.56 19.37
CA LEU B 104 -8.34 -31.70 18.92
C LEU B 104 -9.67 -32.29 19.34
N TRP B 105 -9.85 -33.59 19.10
CA TRP B 105 -11.09 -34.28 19.47
C TRP B 105 -11.24 -34.19 20.97
N SER B 106 -10.11 -34.29 21.67
CA SER B 106 -10.12 -34.21 23.12
C SER B 106 -10.74 -32.87 23.52
N LEU B 107 -10.27 -31.79 22.91
CA LEU B 107 -10.81 -30.46 23.21
C LEU B 107 -12.29 -30.42 22.88
N TYR B 108 -12.67 -30.97 21.75
CA TYR B 108 -14.07 -30.99 21.36
C TYR B 108 -14.92 -31.60 22.47
N LEU B 109 -14.52 -32.77 22.95
CA LEU B 109 -15.27 -33.43 24.02
C LEU B 109 -15.44 -32.52 25.21
N ALA B 110 -14.39 -31.75 25.52
CA ALA B 110 -14.46 -30.81 26.62
C ALA B 110 -15.57 -29.75 26.40
N THR B 111 -15.78 -29.32 25.17
CA THR B 111 -16.82 -28.32 24.90
C THR B 111 -18.23 -28.86 25.11
N LEU B 112 -18.35 -30.18 25.15
CA LEU B 112 -19.66 -30.82 25.33
C LEU B 112 -20.19 -30.66 26.74
N LYS B 113 -19.34 -30.28 27.67
CA LYS B 113 -19.75 -30.08 29.06
C LYS B 113 -20.72 -28.90 29.18
N SER B 114 -21.85 -29.15 29.86
CA SER B 114 -22.90 -28.15 30.06
C SER B 114 -22.39 -26.80 30.56
N ALA B 115 -23.26 -25.80 30.50
CA ALA B 115 -22.91 -24.45 30.91
C ALA B 115 -24.15 -23.67 31.31
N GLN B 116 -23.95 -22.57 32.04
CA GLN B 116 -25.06 -21.73 32.48
C GLN B 116 -25.75 -21.11 31.29
N TYR B 117 -24.99 -20.85 30.23
CA TYR B 117 -25.54 -20.20 29.04
C TYR B 117 -25.78 -21.10 27.86
N LYS B 118 -26.66 -20.64 26.96
N LYS B 118 -26.68 -20.67 26.97
CA LYS B 118 -26.97 -21.36 25.75
CA LYS B 118 -26.96 -21.47 25.79
C LYS B 118 -25.75 -21.24 24.83
C LYS B 118 -25.77 -21.26 24.86
N LYS B 119 -25.22 -22.37 24.37
CA LYS B 119 -24.06 -22.34 23.50
C LYS B 119 -24.28 -21.70 22.12
N GLN B 120 -23.21 -21.13 21.58
CA GLN B 120 -23.29 -20.49 20.27
C GLN B 120 -23.47 -21.58 19.20
N ASN B 121 -24.57 -21.50 18.44
CA ASN B 121 -24.84 -22.49 17.42
C ASN B 121 -24.40 -22.09 16.01
N PHE B 122 -23.95 -20.85 15.86
CA PHE B 122 -23.48 -20.41 14.54
C PHE B 122 -21.96 -20.55 14.41
N ARG B 123 -21.54 -21.06 13.26
CA ARG B 123 -20.11 -21.22 13.01
C ARG B 123 -19.80 -20.74 11.59
N LEU B 124 -18.57 -20.28 11.40
CA LEU B 124 -18.17 -19.77 10.12
C LEU B 124 -17.05 -20.60 9.54
N GLY B 125 -17.22 -21.01 8.29
CA GLY B 125 -16.19 -21.78 7.61
C GLY B 125 -15.56 -20.89 6.56
N ILE B 126 -14.24 -20.69 6.66
CA ILE B 126 -13.54 -19.91 5.65
C ILE B 126 -12.59 -20.94 5.04
N PHE B 127 -12.98 -21.40 3.86
CA PHE B 127 -12.31 -22.49 3.16
C PHE B 127 -11.55 -22.12 1.93
N ARG B 128 -10.75 -23.08 1.47
CA ARG B 128 -10.01 -22.92 0.23
C ARG B 128 -9.79 -24.24 -0.46
N SER B 129 -10.26 -24.34 -1.69
N SER B 129 -10.25 -24.34 -1.69
CA SER B 129 -10.11 -25.55 -2.50
CA SER B 129 -10.12 -25.54 -2.50
C SER B 129 -8.89 -25.35 -3.39
C SER B 129 -8.91 -25.36 -3.42
N ASP B 130 -8.03 -26.36 -3.47
CA ASP B 130 -6.83 -26.28 -4.32
C ASP B 130 -6.88 -27.31 -5.45
N TYR B 131 -6.72 -26.84 -6.69
CA TYR B 131 -6.76 -27.72 -7.85
C TYR B 131 -5.55 -27.66 -8.76
N LEU B 132 -5.29 -28.79 -9.41
CA LEU B 132 -4.23 -28.87 -10.42
C LEU B 132 -5.00 -29.01 -11.73
N ILE B 133 -4.44 -28.49 -12.81
CA ILE B 133 -5.10 -28.61 -14.12
C ILE B 133 -4.53 -29.89 -14.75
N ASP B 134 -5.35 -30.94 -14.78
CA ASP B 134 -4.91 -32.22 -15.35
C ASP B 134 -5.06 -32.22 -16.85
N LYS B 135 -3.97 -32.51 -17.55
CA LYS B 135 -4.00 -32.54 -19.01
C LYS B 135 -3.82 -33.96 -19.53
N LYS B 136 -4.78 -34.83 -19.24
CA LYS B 136 -4.73 -36.22 -19.69
C LYS B 136 -5.78 -36.46 -20.76
N GLU B 140 -9.10 -30.63 -20.74
CA GLU B 140 -8.55 -30.24 -19.41
C GLU B 140 -9.59 -30.46 -18.32
N GLN B 141 -9.13 -30.90 -17.15
CA GLN B 141 -10.04 -31.15 -16.02
C GLN B 141 -9.38 -30.74 -14.70
N ILE B 142 -10.13 -30.04 -13.86
CA ILE B 142 -9.59 -29.64 -12.57
C ILE B 142 -9.64 -30.83 -11.63
N LYS B 143 -8.55 -31.04 -10.90
CA LYS B 143 -8.44 -32.12 -9.94
C LYS B 143 -8.06 -31.53 -8.59
N GLN B 144 -8.95 -31.67 -7.63
CA GLN B 144 -8.73 -31.14 -6.29
C GLN B 144 -7.64 -31.96 -5.59
N VAL B 145 -6.60 -31.27 -5.12
CA VAL B 145 -5.51 -31.96 -4.44
C VAL B 145 -5.61 -31.66 -2.95
N GLU B 146 -6.47 -30.71 -2.60
CA GLU B 146 -6.63 -30.34 -1.21
C GLU B 146 -7.84 -29.47 -0.90
N PHE B 147 -8.44 -29.70 0.25
CA PHE B 147 -9.53 -28.86 0.71
C PHE B 147 -9.17 -28.43 2.12
N ASN B 148 -8.92 -27.14 2.28
CA ASN B 148 -8.52 -26.57 3.56
C ASN B 148 -9.72 -25.96 4.30
N THR B 149 -9.93 -26.40 5.54
CA THR B 149 -11.05 -25.92 6.34
C THR B 149 -10.62 -24.99 7.48
N VAL B 150 -9.34 -24.69 7.58
CA VAL B 150 -8.88 -23.83 8.66
C VAL B 150 -7.70 -22.96 8.31
N SER B 151 -7.72 -21.73 8.85
CA SER B 151 -6.63 -20.77 8.65
C SER B 151 -6.04 -20.80 7.23
N VAL B 152 -6.87 -20.56 6.23
CA VAL B 152 -6.37 -20.55 4.87
C VAL B 152 -5.65 -19.22 4.68
N SER B 153 -4.56 -19.25 3.93
CA SER B 153 -3.76 -18.06 3.71
C SER B 153 -3.82 -17.45 2.34
N PHE B 154 -3.23 -16.28 2.26
CA PHE B 154 -2.98 -15.47 1.06
C PHE B 154 -4.15 -14.73 0.41
N ALA B 155 -5.30 -14.65 1.03
CA ALA B 155 -6.43 -13.94 0.43
C ALA B 155 -6.08 -12.48 0.16
N GLY B 156 -5.27 -11.90 1.04
CA GLY B 156 -4.86 -10.51 0.88
C GLY B 156 -3.77 -10.25 -0.17
N LEU B 157 -2.66 -10.97 -0.11
CA LEU B 157 -1.58 -10.76 -1.07
C LEU B 157 -2.03 -11.19 -2.47
N SER B 158 -2.99 -12.11 -2.52
CA SER B 158 -3.55 -12.60 -3.79
C SER B 158 -4.10 -11.44 -4.64
N GLU B 159 -4.86 -10.54 -4.02
CA GLU B 159 -5.41 -9.40 -4.72
C GLU B 159 -4.27 -8.56 -5.28
N LYS B 160 -3.21 -8.41 -4.47
CA LYS B 160 -2.08 -7.57 -4.88
C LYS B 160 -1.24 -8.09 -6.03
N VAL B 161 -0.99 -9.39 -6.08
N VAL B 161 -0.99 -9.39 -6.08
CA VAL B 161 -0.21 -9.93 -7.19
CA VAL B 161 -0.20 -9.92 -7.21
C VAL B 161 -1.02 -9.83 -8.48
C VAL B 161 -1.04 -9.79 -8.48
N ASP B 162 -2.34 -9.98 -8.36
CA ASP B 162 -3.22 -9.87 -9.54
C ASP B 162 -3.13 -8.42 -10.08
N ARG B 163 -3.28 -7.47 -9.18
CA ARG B 163 -3.22 -6.06 -9.56
C ARG B 163 -1.83 -5.67 -10.02
N LEU B 164 -0.80 -6.34 -9.51
CA LEU B 164 0.57 -6.05 -9.95
C LEU B 164 0.66 -6.37 -11.44
N HIS B 165 0.32 -7.61 -11.80
CA HIS B 165 0.39 -8.01 -13.20
C HIS B 165 -0.49 -7.16 -14.11
N SER B 166 -1.67 -6.79 -13.65
CA SER B 166 -2.55 -5.96 -14.43
C SER B 166 -1.86 -4.61 -14.68
N TYR B 167 -1.28 -4.07 -13.61
CA TYR B 167 -0.55 -2.81 -13.71
C TYR B 167 0.57 -2.87 -14.76
N LEU B 168 1.44 -3.88 -14.65
CA LEU B 168 2.57 -4.03 -15.57
C LEU B 168 2.09 -4.10 -17.03
N ASN B 169 0.91 -4.69 -17.24
CA ASN B 169 0.35 -4.80 -18.58
C ASN B 169 -0.20 -3.45 -19.08
N ARG B 170 -1.06 -2.84 -18.27
CA ARG B 170 -1.71 -1.58 -18.60
C ARG B 170 -0.83 -0.33 -18.60
N ALA B 171 0.32 -0.39 -17.92
CA ALA B 171 1.21 0.77 -17.83
C ALA B 171 2.38 0.61 -18.78
N ASN B 172 2.25 -0.34 -19.70
CA ASN B 172 3.29 -0.60 -20.67
C ASN B 172 4.64 -0.94 -20.09
N LYS B 173 4.66 -1.82 -19.08
CA LYS B 173 5.93 -2.24 -18.48
C LYS B 173 6.37 -3.59 -19.08
N TYR B 174 5.39 -4.40 -19.50
CA TYR B 174 5.67 -5.68 -20.12
C TYR B 174 6.19 -5.36 -21.54
N ASP B 175 5.66 -4.30 -22.13
CA ASP B 175 6.06 -3.88 -23.45
C ASP B 175 5.82 -2.35 -23.53
N PRO B 176 6.86 -1.57 -23.83
CA PRO B 176 6.75 -0.12 -23.92
C PRO B 176 5.80 0.34 -25.01
N LYS B 177 5.45 -0.56 -25.92
CA LYS B 177 4.54 -0.22 -27.02
C LYS B 177 3.07 -0.39 -26.69
N GLY B 178 2.79 -1.20 -25.68
CA GLY B 178 1.40 -1.42 -25.31
C GLY B 178 1.25 -2.71 -24.51
N PRO B 179 0.05 -3.00 -24.02
CA PRO B 179 -0.20 -4.22 -23.24
C PRO B 179 -0.01 -5.47 -24.08
N ILE B 180 0.53 -6.52 -23.48
CA ILE B 180 0.73 -7.77 -24.18
C ILE B 180 -0.41 -8.74 -23.87
N TYR B 181 -1.32 -8.33 -22.99
CA TYR B 181 -2.43 -9.19 -22.61
C TYR B 181 -3.78 -8.51 -22.76
N ASN B 182 -4.80 -9.31 -23.02
CA ASN B 182 -6.16 -8.81 -23.14
C ASN B 182 -6.69 -8.73 -21.71
N ASP B 183 -6.84 -7.50 -21.20
CA ASP B 183 -7.31 -7.27 -19.84
C ASP B 183 -8.53 -8.09 -19.50
N GLN B 184 -9.31 -8.44 -20.51
CA GLN B 184 -10.51 -9.23 -20.29
C GLN B 184 -10.17 -10.66 -19.86
N ASN B 185 -8.94 -11.10 -20.11
CA ASN B 185 -8.54 -12.44 -19.72
C ASN B 185 -7.74 -12.49 -18.42
N MET B 186 -7.39 -11.32 -17.87
CA MET B 186 -6.61 -11.26 -16.65
C MET B 186 -7.50 -11.26 -15.41
N VAL B 187 -7.42 -12.33 -14.62
CA VAL B 187 -8.22 -12.42 -13.42
C VAL B 187 -7.72 -11.50 -12.31
N ILE B 188 -8.63 -10.73 -11.74
CA ILE B 188 -8.31 -9.83 -10.66
C ILE B 188 -9.21 -10.21 -9.48
N SER B 189 -8.65 -11.00 -8.58
CA SER B 189 -9.37 -11.49 -7.42
C SER B 189 -9.70 -10.42 -6.39
N ASP B 190 -10.82 -10.62 -5.70
CA ASP B 190 -11.25 -9.70 -4.62
C ASP B 190 -11.27 -10.47 -3.30
N SER B 191 -10.52 -11.58 -3.23
CA SER B 191 -10.49 -12.42 -2.03
C SER B 191 -10.20 -11.68 -0.72
N GLY B 192 -9.40 -10.64 -0.76
CA GLY B 192 -9.11 -9.91 0.46
C GLY B 192 -10.37 -9.22 0.97
N TYR B 193 -11.08 -8.60 0.04
CA TYR B 193 -12.32 -7.92 0.37
C TYR B 193 -13.42 -8.94 0.72
N LEU B 194 -13.54 -10.01 -0.07
CA LEU B 194 -14.59 -11.00 0.17
C LEU B 194 -14.41 -11.76 1.48
N LEU B 195 -13.17 -12.02 1.88
CA LEU B 195 -12.98 -12.73 3.14
C LEU B 195 -13.37 -11.80 4.29
N SER B 196 -13.09 -10.51 4.12
CA SER B 196 -13.42 -9.52 5.13
C SER B 196 -14.93 -9.37 5.24
N LYS B 197 -15.62 -9.49 4.12
N LYS B 197 -15.62 -9.50 4.11
CA LYS B 197 -17.08 -9.39 4.12
CA LYS B 197 -17.08 -9.39 4.09
C LYS B 197 -17.69 -10.57 4.85
C LYS B 197 -17.70 -10.57 4.84
N ALA B 198 -17.09 -11.73 4.67
CA ALA B 198 -17.56 -12.96 5.33
C ALA B 198 -17.44 -12.82 6.84
N LEU B 199 -16.32 -12.26 7.28
CA LEU B 199 -16.11 -12.04 8.70
C LEU B 199 -17.09 -10.98 9.22
N ALA B 200 -17.25 -9.89 8.48
CA ALA B 200 -18.16 -8.83 8.90
C ALA B 200 -19.58 -9.43 9.00
N LYS B 201 -19.90 -10.29 8.03
N LYS B 201 -19.94 -10.28 8.03
CA LYS B 201 -21.19 -10.97 7.97
CA LYS B 201 -21.26 -10.89 8.06
C LYS B 201 -21.41 -11.80 9.24
C LYS B 201 -21.42 -11.75 9.31
N ALA B 202 -20.36 -12.45 9.71
CA ALA B 202 -20.43 -13.29 10.89
C ALA B 202 -20.65 -12.40 12.11
N VAL B 203 -19.97 -11.25 12.12
CA VAL B 203 -20.10 -10.30 13.22
C VAL B 203 -21.55 -9.80 13.34
N GLU B 204 -22.16 -9.42 12.21
CA GLU B 204 -23.54 -8.92 12.21
C GLU B 204 -24.52 -10.00 12.61
N SER B 205 -24.31 -11.24 12.17
CA SER B 205 -25.25 -12.26 12.57
C SER B 205 -25.11 -12.51 14.09
N TYR B 206 -23.90 -12.36 14.62
CA TYR B 206 -23.64 -12.51 16.07
C TYR B 206 -24.46 -11.42 16.79
N LYS B 207 -24.32 -10.17 16.33
CA LYS B 207 -25.04 -9.05 16.92
C LYS B 207 -26.55 -9.15 16.75
N SER B 208 -26.99 -9.71 15.64
CA SER B 208 -28.41 -9.84 15.35
C SER B 208 -29.13 -10.88 16.20
N GLN B 209 -28.38 -11.76 16.87
CA GLN B 209 -29.01 -12.80 17.70
C GLN B 209 -29.78 -12.23 18.87
N GLN B 210 -29.31 -11.09 19.37
CA GLN B 210 -29.96 -10.41 20.49
C GLN B 210 -29.63 -8.92 20.45
N SER B 211 -30.66 -8.09 20.44
CA SER B 211 -30.47 -6.65 20.38
C SER B 211 -30.32 -6.05 21.77
N SER B 212 -29.87 -4.80 21.80
CA SER B 212 -29.70 -4.03 23.04
C SER B 212 -30.19 -2.65 22.62
N SER B 213 -30.84 -1.90 23.50
CA SER B 213 -31.30 -0.59 23.08
C SER B 213 -30.16 0.43 23.02
N THR B 214 -28.95 -0.02 23.31
CA THR B 214 -27.78 0.86 23.32
C THR B 214 -26.64 0.32 22.43
N THR B 215 -26.11 1.20 21.59
CA THR B 215 -25.02 0.86 20.66
C THR B 215 -24.06 -0.21 21.15
N SER B 216 -23.88 -1.24 20.32
CA SER B 216 -22.97 -2.34 20.61
C SER B 216 -22.00 -2.44 19.42
N ASP B 217 -20.71 -2.64 19.70
CA ASP B 217 -19.71 -2.71 18.62
C ASP B 217 -18.69 -3.84 18.87
N PRO B 218 -19.13 -5.10 18.80
CA PRO B 218 -18.25 -6.24 19.01
C PRO B 218 -17.16 -6.30 17.93
N ILE B 219 -16.06 -6.96 18.21
CA ILE B 219 -14.95 -7.01 17.26
C ILE B 219 -14.60 -8.42 16.76
N VAL B 220 -13.64 -8.47 15.83
CA VAL B 220 -13.15 -9.73 15.30
C VAL B 220 -11.79 -9.94 15.97
N ALA B 221 -11.57 -11.13 16.51
CA ALA B 221 -10.28 -11.39 17.13
C ALA B 221 -9.47 -12.30 16.20
N PHE B 222 -8.31 -11.84 15.77
CA PHE B 222 -7.43 -12.62 14.91
C PHE B 222 -6.50 -13.38 15.88
N ILE B 223 -6.53 -14.71 15.84
CA ILE B 223 -5.70 -15.54 16.68
C ILE B 223 -4.50 -15.86 15.83
N VAL B 224 -3.37 -15.28 16.17
CA VAL B 224 -2.21 -15.43 15.33
C VAL B 224 -1.01 -16.13 15.94
N GLN B 225 -0.17 -16.63 15.04
CA GLN B 225 1.07 -17.33 15.42
C GLN B 225 2.06 -16.30 15.99
N ARG B 226 2.86 -16.72 16.96
CA ARG B 226 3.86 -15.83 17.53
C ARG B 226 4.87 -15.58 16.41
N ASN B 227 5.44 -14.38 16.34
CA ASN B 227 6.41 -14.08 15.28
C ASN B 227 5.93 -14.42 13.86
N GLU B 228 4.68 -14.05 13.56
CA GLU B 228 4.11 -14.30 12.24
C GLU B 228 4.82 -13.45 11.19
N ARG B 229 5.39 -14.09 10.18
CA ARG B 229 6.08 -13.39 9.11
C ARG B 229 5.12 -12.92 8.01
N ASN B 230 3.98 -13.61 7.86
CA ASN B 230 3.01 -13.25 6.83
C ASN B 230 1.88 -12.36 7.38
N VAL B 231 2.25 -11.41 8.23
CA VAL B 231 1.27 -10.52 8.82
C VAL B 231 0.59 -9.54 7.84
N PHE B 232 1.33 -9.11 6.81
CA PHE B 232 0.79 -8.12 5.85
C PHE B 232 -0.37 -8.68 5.03
N ASP B 233 -0.36 -9.99 4.81
CA ASP B 233 -1.43 -10.66 4.08
C ASP B 233 -2.68 -10.56 4.95
N GLN B 234 -2.50 -10.75 6.25
CA GLN B 234 -3.58 -10.70 7.22
C GLN B 234 -4.09 -9.28 7.48
N LYS B 235 -3.17 -8.32 7.48
CA LYS B 235 -3.53 -6.92 7.69
C LYS B 235 -4.56 -6.41 6.68
N VAL B 236 -4.49 -6.90 5.44
CA VAL B 236 -5.44 -6.48 4.42
C VAL B 236 -6.88 -6.78 4.91
N LEU B 237 -7.05 -7.88 5.65
CA LEU B 237 -8.38 -8.23 6.14
C LEU B 237 -8.78 -7.29 7.24
N GLU B 238 -7.85 -7.03 8.15
CA GLU B 238 -8.11 -6.12 9.26
C GLU B 238 -8.54 -4.74 8.73
N LEU B 239 -7.82 -4.24 7.73
CA LEU B 239 -8.12 -2.92 7.16
C LEU B 239 -9.44 -2.89 6.39
N ASN B 240 -9.75 -3.95 5.65
CA ASN B 240 -11.00 -3.99 4.92
C ASN B 240 -12.19 -3.99 5.89
N LEU B 241 -12.03 -4.74 6.98
CA LEU B 241 -13.07 -4.84 8.00
C LEU B 241 -13.43 -3.45 8.54
N LEU B 242 -12.41 -2.67 8.88
CA LEU B 242 -12.65 -1.35 9.41
C LEU B 242 -13.15 -0.35 8.35
N GLU B 243 -12.42 -0.23 7.26
CA GLU B 243 -12.73 0.74 6.22
C GLU B 243 -14.00 0.43 5.42
N LYS B 244 -14.26 -0.84 5.15
N LYS B 244 -14.25 -0.85 5.15
CA LYS B 244 -15.44 -1.21 4.38
CA LYS B 244 -15.43 -1.23 4.38
C LYS B 244 -16.63 -1.62 5.24
C LYS B 244 -16.62 -1.63 5.24
N PHE B 245 -16.36 -2.21 6.40
CA PHE B 245 -17.46 -2.65 7.28
C PHE B 245 -17.55 -2.08 8.66
N GLY B 246 -16.76 -1.05 8.94
CA GLY B 246 -16.84 -0.42 10.26
C GLY B 246 -16.60 -1.35 11.43
N THR B 247 -15.96 -2.49 11.18
CA THR B 247 -15.68 -3.46 12.23
C THR B 247 -14.23 -3.42 12.69
N LYS B 248 -14.02 -3.25 14.00
CA LYS B 248 -12.69 -3.23 14.58
C LYS B 248 -12.21 -4.65 14.85
N SER B 249 -10.93 -4.80 15.20
CA SER B 249 -10.35 -6.12 15.46
C SER B 249 -9.05 -6.04 16.26
N VAL B 250 -8.60 -7.20 16.75
N VAL B 250 -8.60 -7.19 16.76
CA VAL B 250 -7.37 -7.28 17.54
CA VAL B 250 -7.37 -7.28 17.55
C VAL B 250 -6.58 -8.52 17.14
C VAL B 250 -6.58 -8.52 17.16
N ARG B 251 -5.25 -8.44 17.29
CA ARG B 251 -4.38 -9.55 16.96
C ARG B 251 -3.90 -10.18 18.29
N LEU B 252 -4.25 -11.43 18.52
CA LEU B 252 -3.87 -12.11 19.75
C LEU B 252 -3.18 -13.43 19.50
N THR B 253 -2.11 -13.69 20.25
CA THR B 253 -1.41 -15.00 20.19
C THR B 253 -2.10 -15.81 21.30
N PHE B 254 -1.80 -17.10 21.41
CA PHE B 254 -2.42 -17.91 22.46
C PHE B 254 -2.03 -17.35 23.83
N ASP B 255 -0.83 -16.75 23.95
CA ASP B 255 -0.39 -16.14 25.19
C ASP B 255 -1.36 -15.01 25.55
N ASP B 256 -1.67 -14.16 24.57
CA ASP B 256 -2.59 -13.05 24.80
C ASP B 256 -3.98 -13.55 25.19
N VAL B 257 -4.43 -14.63 24.57
CA VAL B 257 -5.75 -15.17 24.88
C VAL B 257 -5.81 -15.52 26.38
N ASN B 258 -4.76 -16.14 26.88
CA ASN B 258 -4.68 -16.52 28.29
C ASN B 258 -4.57 -15.34 29.25
N ASP B 259 -3.88 -14.29 28.85
CA ASP B 259 -3.70 -13.14 29.72
C ASP B 259 -4.68 -12.00 29.59
N LYS B 260 -5.31 -11.83 28.42
CA LYS B 260 -6.20 -10.68 28.26
C LYS B 260 -7.69 -10.94 28.12
N LEU B 261 -8.09 -12.15 27.78
CA LEU B 261 -9.51 -12.41 27.61
C LEU B 261 -10.17 -13.05 28.82
N PHE B 262 -11.48 -12.87 28.93
CA PHE B 262 -12.24 -13.45 30.03
C PHE B 262 -13.66 -13.71 29.53
N ILE B 263 -14.34 -14.67 30.17
CA ILE B 263 -15.71 -15.03 29.79
C ILE B 263 -16.72 -14.69 30.90
N ASP B 264 -17.85 -14.12 30.50
CA ASP B 264 -18.94 -13.81 31.41
C ASP B 264 -19.68 -15.14 31.62
N ASP B 265 -19.67 -15.68 32.83
CA ASP B 265 -20.33 -16.96 33.08
C ASP B 265 -21.82 -17.02 32.77
N LYS B 266 -22.53 -15.91 32.91
CA LYS B 266 -23.97 -15.89 32.65
C LYS B 266 -24.34 -15.97 31.16
N THR B 267 -23.49 -15.40 30.30
CA THR B 267 -23.79 -15.41 28.87
C THR B 267 -22.75 -16.13 28.03
N GLY B 268 -21.58 -16.38 28.59
CA GLY B 268 -20.54 -17.04 27.84
C GLY B 268 -19.77 -16.08 26.92
N LYS B 269 -20.26 -14.85 26.80
CA LYS B 269 -19.66 -13.85 25.94
C LYS B 269 -18.19 -13.57 26.25
N LEU B 270 -17.42 -13.34 25.17
CA LEU B 270 -15.98 -13.11 25.26
C LEU B 270 -15.64 -11.63 25.26
N PHE B 271 -14.81 -11.23 26.23
CA PHE B 271 -14.41 -9.84 26.40
C PHE B 271 -12.92 -9.68 26.65
N ILE B 272 -12.40 -8.50 26.34
CA ILE B 272 -11.00 -8.20 26.58
C ILE B 272 -10.96 -7.48 27.94
N ARG B 273 -10.19 -8.00 28.87
CA ARG B 273 -10.09 -7.39 30.19
C ARG B 273 -9.80 -5.90 30.10
N ASP B 274 -10.35 -5.16 31.06
CA ASP B 274 -10.19 -3.70 31.21
C ASP B 274 -10.82 -2.81 30.14
N THR B 275 -10.73 -3.20 28.88
CA THR B 275 -11.30 -2.40 27.78
C THR B 275 -12.78 -2.70 27.58
N GLU B 276 -13.22 -3.87 28.05
CA GLU B 276 -14.63 -4.27 27.90
C GLU B 276 -15.08 -4.43 26.44
N GLN B 277 -14.13 -4.52 25.52
N GLN B 277 -14.13 -4.54 25.52
CA GLN B 277 -14.48 -4.71 24.12
CA GLN B 277 -14.43 -4.73 24.12
C GLN B 277 -14.99 -6.15 23.99
C GLN B 277 -14.97 -6.16 23.97
N GLU B 278 -16.09 -6.32 23.30
CA GLU B 278 -16.68 -7.63 23.11
C GLU B 278 -16.19 -8.26 21.82
N ILE B 279 -15.89 -9.55 21.87
CA ILE B 279 -15.40 -10.29 20.71
C ILE B 279 -16.53 -11.13 20.14
N ALA B 280 -16.97 -10.77 18.93
CA ALA B 280 -18.04 -11.47 18.26
C ALA B 280 -17.57 -12.72 17.46
N VAL B 281 -16.39 -12.61 16.84
CA VAL B 281 -15.85 -13.66 16.01
C VAL B 281 -14.40 -13.98 16.35
N VAL B 282 -14.09 -15.26 16.46
CA VAL B 282 -12.75 -15.73 16.74
C VAL B 282 -12.27 -16.30 15.40
N TYR B 283 -11.31 -15.60 14.77
CA TYR B 283 -10.81 -16.00 13.46
C TYR B 283 -9.38 -16.55 13.57
N TYR B 284 -9.25 -17.85 13.30
CA TYR B 284 -7.96 -18.51 13.42
C TYR B 284 -7.00 -18.40 12.22
N ARG B 285 -5.80 -17.91 12.51
CA ARG B 285 -4.75 -17.79 11.51
C ARG B 285 -3.55 -18.56 12.09
N THR B 286 -3.87 -19.48 13.00
CA THR B 286 -2.91 -20.37 13.62
C THR B 286 -3.72 -21.48 14.30
N GLY B 287 -3.05 -22.56 14.72
CA GLY B 287 -3.76 -23.64 15.41
C GLY B 287 -4.17 -24.80 14.52
N TYR B 288 -3.60 -24.89 13.34
CA TYR B 288 -3.94 -25.95 12.41
C TYR B 288 -2.85 -27.02 12.31
N THR B 289 -1.74 -26.81 12.99
CA THR B 289 -0.66 -27.78 12.96
C THR B 289 -0.13 -27.93 14.39
N THR B 290 0.39 -29.11 14.70
CA THR B 290 0.87 -29.39 16.05
C THR B 290 1.84 -28.36 16.63
N THR B 291 2.81 -27.92 15.85
CA THR B 291 3.75 -26.92 16.33
C THR B 291 3.14 -25.55 16.64
N ASP B 292 1.86 -25.36 16.36
CA ASP B 292 1.22 -24.07 16.67
C ASP B 292 0.95 -24.01 18.18
N TYR B 293 0.89 -25.17 18.81
CA TYR B 293 0.63 -25.26 20.23
C TYR B 293 1.97 -25.57 20.92
N THR B 294 2.61 -24.53 21.47
CA THR B 294 3.91 -24.66 22.11
C THR B 294 3.87 -25.21 23.54
N SER B 295 2.68 -25.38 24.07
CA SER B 295 2.55 -25.90 25.44
C SER B 295 1.10 -26.22 25.78
N GLU B 296 0.90 -26.83 26.93
CA GLU B 296 -0.43 -27.18 27.40
C GLU B 296 -1.26 -25.92 27.53
N LYS B 297 -0.60 -24.81 27.83
CA LYS B 297 -1.27 -23.52 27.98
C LYS B 297 -1.96 -23.09 26.69
N ASP B 298 -1.30 -23.35 25.56
CA ASP B 298 -1.87 -22.99 24.25
C ASP B 298 -3.13 -23.82 24.01
N TRP B 299 -3.07 -25.12 24.31
CA TRP B 299 -4.23 -25.97 24.14
C TRP B 299 -5.37 -25.47 25.01
N GLU B 300 -5.03 -24.97 26.19
CA GLU B 300 -6.05 -24.44 27.12
C GLU B 300 -6.66 -23.15 26.57
N ALA B 301 -5.85 -22.40 25.84
CA ALA B 301 -6.31 -21.13 25.27
C ALA B 301 -7.31 -21.45 24.16
N ARG B 302 -7.02 -22.47 23.37
CA ARG B 302 -7.89 -22.88 22.28
C ARG B 302 -9.24 -23.30 22.85
N LEU B 303 -9.22 -24.10 23.91
CA LEU B 303 -10.47 -24.57 24.53
C LEU B 303 -11.27 -23.44 25.14
N PHE B 304 -10.58 -22.48 25.72
CA PHE B 304 -11.24 -21.31 26.32
C PHE B 304 -12.00 -20.58 25.22
N LEU B 305 -11.36 -20.40 24.08
CA LEU B 305 -12.01 -19.72 22.94
C LEU B 305 -13.20 -20.53 22.45
N GLU B 306 -13.01 -21.83 22.23
CA GLU B 306 -14.08 -22.69 21.73
C GLU B 306 -15.31 -22.74 22.62
N LYS B 307 -15.12 -22.61 23.93
CA LYS B 307 -16.26 -22.66 24.84
C LYS B 307 -17.04 -21.36 24.95
N SER B 308 -16.46 -20.25 24.48
CA SER B 308 -17.13 -18.95 24.57
C SER B 308 -18.30 -18.89 23.61
N PHE B 309 -19.11 -17.84 23.75
CA PHE B 309 -20.29 -17.64 22.92
C PHE B 309 -19.95 -17.00 21.57
N ALA B 310 -18.69 -16.65 21.40
CA ALA B 310 -18.27 -16.04 20.14
C ALA B 310 -18.38 -17.08 19.01
N ILE B 311 -18.57 -16.60 17.79
CA ILE B 311 -18.65 -17.46 16.64
C ILE B 311 -17.22 -17.77 16.23
N LYS B 312 -16.92 -19.05 16.09
CA LYS B 312 -15.57 -19.44 15.70
C LYS B 312 -15.46 -19.62 14.20
N ALA B 313 -14.27 -19.28 13.68
CA ALA B 313 -14.00 -19.39 12.26
C ALA B 313 -12.63 -20.06 12.08
N PRO B 314 -12.57 -21.39 12.16
CA PRO B 314 -13.72 -22.29 12.38
C PRO B 314 -13.69 -22.87 13.77
N ASP B 315 -14.74 -23.57 14.16
CA ASP B 315 -14.74 -24.22 15.47
C ASP B 315 -14.00 -25.56 15.31
N LEU B 316 -13.79 -26.26 16.42
CA LEU B 316 -13.04 -27.53 16.38
C LEU B 316 -13.55 -28.55 15.35
N LEU B 317 -14.85 -28.83 15.35
CA LEU B 317 -15.43 -29.79 14.43
C LEU B 317 -15.27 -29.45 12.95
N THR B 318 -15.44 -28.18 12.61
CA THR B 318 -15.31 -27.79 11.22
C THR B 318 -13.88 -28.06 10.82
N GLN B 319 -12.95 -27.67 11.69
CA GLN B 319 -11.52 -27.88 11.43
C GLN B 319 -11.23 -29.37 11.18
N LEU B 320 -11.83 -30.22 12.02
CA LEU B 320 -11.65 -31.66 11.92
C LEU B 320 -12.27 -32.25 10.66
N SER B 321 -13.28 -31.57 10.11
CA SER B 321 -13.92 -32.07 8.89
C SER B 321 -12.96 -31.99 7.71
N GLY B 322 -11.88 -31.24 7.90
CA GLY B 322 -10.89 -31.09 6.84
C GLY B 322 -9.73 -32.08 6.91
N SER B 323 -9.80 -33.07 7.82
CA SER B 323 -8.71 -34.03 7.93
C SER B 323 -8.67 -34.87 6.67
N LYS B 324 -7.49 -35.40 6.35
CA LYS B 324 -7.31 -36.22 5.15
C LYS B 324 -8.20 -37.46 5.09
N LYS B 325 -8.37 -38.14 6.22
CA LYS B 325 -9.23 -39.31 6.24
C LYS B 325 -10.61 -38.95 5.68
N ILE B 326 -11.24 -37.94 6.25
CA ILE B 326 -12.55 -37.51 5.80
C ILE B 326 -12.53 -37.12 4.32
N GLN B 327 -11.49 -36.44 3.89
CA GLN B 327 -11.41 -36.04 2.50
C GLN B 327 -11.45 -37.28 1.59
N GLN B 328 -10.79 -38.35 2.04
CA GLN B 328 -10.74 -39.59 1.27
C GLN B 328 -12.08 -40.33 1.37
N LEU B 329 -12.70 -40.27 2.54
CA LEU B 329 -13.99 -40.89 2.79
C LEU B 329 -15.01 -40.32 1.80
N LEU B 330 -14.78 -39.08 1.39
CA LEU B 330 -15.66 -38.36 0.48
C LEU B 330 -15.46 -38.70 -0.99
N THR B 331 -14.28 -39.20 -1.34
CA THR B 331 -14.03 -39.54 -2.74
C THR B 331 -14.87 -40.75 -3.14
N ASP B 332 -15.50 -41.39 -2.16
N ASP B 332 -15.50 -41.38 -2.15
CA ASP B 332 -16.33 -42.54 -2.43
CA ASP B 332 -16.34 -42.55 -2.40
C ASP B 332 -17.76 -42.09 -2.72
C ASP B 332 -17.76 -42.10 -2.71
N GLU B 333 -18.22 -42.39 -3.93
CA GLU B 333 -19.56 -42.02 -4.37
C GLU B 333 -20.66 -42.43 -3.39
N GLY B 334 -20.40 -43.49 -2.62
CA GLY B 334 -21.38 -43.97 -1.66
C GLY B 334 -21.53 -43.05 -0.45
N VAL B 335 -20.40 -42.65 0.14
CA VAL B 335 -20.41 -41.77 1.31
C VAL B 335 -20.87 -40.37 0.93
N LEU B 336 -20.50 -39.96 -0.28
CA LEU B 336 -20.85 -38.63 -0.78
C LEU B 336 -22.37 -38.50 -0.95
N GLY B 337 -22.97 -39.55 -1.51
CA GLY B 337 -24.41 -39.55 -1.73
C GLY B 337 -25.24 -39.36 -0.47
N LYS B 338 -24.60 -39.51 0.69
CA LYS B 338 -25.31 -39.35 1.95
C LYS B 338 -25.58 -37.89 2.26
N TYR B 339 -24.68 -37.01 1.80
CA TYR B 339 -24.82 -35.58 2.06
C TYR B 339 -25.29 -34.77 0.85
N ILE B 340 -25.32 -35.42 -0.31
CA ILE B 340 -25.77 -34.79 -1.55
C ILE B 340 -26.71 -35.72 -2.35
N SER B 341 -27.95 -35.28 -2.51
CA SER B 341 -28.98 -36.02 -3.24
C SER B 341 -28.77 -35.88 -4.73
N ASP B 342 -28.99 -34.66 -5.21
CA ASP B 342 -28.89 -34.27 -6.61
C ASP B 342 -27.76 -34.95 -7.35
N ALA B 343 -28.11 -35.75 -8.37
CA ALA B 343 -27.13 -36.47 -9.15
C ALA B 343 -26.17 -35.53 -9.85
N GLU B 344 -26.68 -34.39 -10.29
CA GLU B 344 -25.86 -33.40 -10.99
C GLU B 344 -24.77 -32.83 -10.08
N LYS B 345 -25.14 -32.40 -8.87
CA LYS B 345 -24.16 -31.85 -7.94
C LYS B 345 -23.12 -32.92 -7.61
N LYS B 346 -23.56 -34.17 -7.45
CA LYS B 346 -22.63 -35.26 -7.15
C LYS B 346 -21.64 -35.50 -8.29
N SER B 347 -22.16 -35.62 -9.51
CA SER B 347 -21.31 -35.86 -10.68
C SER B 347 -20.23 -34.79 -10.81
N SER B 348 -20.61 -33.54 -10.57
CA SER B 348 -19.67 -32.42 -10.66
C SER B 348 -18.56 -32.55 -9.65
N LEU B 349 -18.89 -32.98 -8.44
CA LEU B 349 -17.88 -33.13 -7.42
C LEU B 349 -16.94 -34.28 -7.74
N LEU B 350 -17.53 -35.45 -8.02
CA LEU B 350 -16.75 -36.65 -8.34
C LEU B 350 -15.75 -36.44 -9.48
N LYS B 351 -16.11 -35.61 -10.46
CA LYS B 351 -15.23 -35.33 -11.59
C LYS B 351 -13.90 -34.73 -11.11
N THR B 352 -13.93 -34.01 -10.00
CA THR B 352 -12.73 -33.36 -9.50
C THR B 352 -11.86 -34.20 -8.60
N PHE B 353 -12.34 -35.37 -8.18
CA PHE B 353 -11.54 -36.21 -7.30
C PHE B 353 -10.59 -37.14 -8.06
N VAL B 354 -9.49 -37.46 -7.41
CA VAL B 354 -8.51 -38.37 -7.97
C VAL B 354 -9.08 -39.77 -7.79
N LYS B 355 -9.33 -40.47 -8.88
CA LYS B 355 -9.92 -41.81 -8.84
C LYS B 355 -8.95 -42.94 -8.51
N ILE B 356 -9.44 -43.90 -7.74
CA ILE B 356 -8.68 -45.09 -7.36
C ILE B 356 -9.59 -46.28 -7.55
N TYR B 357 -9.04 -47.38 -8.08
CA TYR B 357 -9.83 -48.56 -8.37
C TYR B 357 -9.31 -49.83 -7.73
N PRO B 358 -10.22 -50.78 -7.44
CA PRO B 358 -9.90 -52.07 -6.84
C PRO B 358 -9.64 -52.98 -8.04
N LEU B 359 -8.79 -53.99 -7.88
CA LEU B 359 -8.49 -54.90 -8.99
C LEU B 359 -8.98 -56.31 -8.70
N ASP B 360 -10.28 -56.45 -8.44
CA ASP B 360 -10.87 -57.74 -8.13
C ASP B 360 -12.08 -58.06 -9.00
N ASP B 361 -12.93 -58.97 -8.53
CA ASP B 361 -14.12 -59.38 -9.26
C ASP B 361 -15.43 -58.74 -8.82
N THR B 362 -15.40 -57.43 -8.55
CA THR B 362 -16.60 -56.74 -8.12
C THR B 362 -17.11 -55.81 -9.21
N LYS B 363 -17.86 -54.77 -8.82
CA LYS B 363 -18.41 -53.82 -9.77
C LYS B 363 -17.32 -52.90 -10.32
N LEU B 364 -16.67 -52.16 -9.43
CA LEU B 364 -15.61 -51.24 -9.83
C LEU B 364 -14.31 -51.99 -10.18
N GLY B 365 -14.25 -53.26 -9.80
CA GLY B 365 -13.07 -54.06 -10.07
C GLY B 365 -12.78 -54.35 -11.53
N ARG B 366 -13.76 -54.86 -12.25
CA ARG B 366 -13.57 -55.17 -13.66
C ARG B 366 -13.28 -53.89 -14.42
N GLU B 367 -13.89 -52.79 -13.98
CA GLU B 367 -13.68 -51.49 -14.62
C GLU B 367 -12.20 -51.13 -14.44
N GLY B 368 -11.67 -51.40 -13.25
CA GLY B 368 -10.28 -51.10 -12.96
C GLY B 368 -9.32 -51.85 -13.86
N LYS B 369 -9.54 -53.15 -14.00
CA LYS B 369 -8.69 -53.98 -14.84
C LYS B 369 -8.71 -53.47 -16.27
N ARG B 370 -9.92 -53.23 -16.76
CA ARG B 370 -10.13 -52.73 -18.12
C ARG B 370 -9.30 -51.47 -18.32
N LEU B 371 -9.41 -50.55 -17.35
CA LEU B 371 -8.70 -49.29 -17.41
C LEU B 371 -7.18 -49.49 -17.34
N ALA B 372 -6.74 -50.41 -16.49
CA ALA B 372 -5.31 -50.68 -16.35
C ALA B 372 -4.66 -51.19 -17.63
N LEU B 373 -5.44 -51.92 -18.43
CA LEU B 373 -4.93 -52.47 -19.69
C LEU B 373 -5.31 -51.66 -20.92
N SER B 374 -6.28 -50.77 -20.79
CA SER B 374 -6.72 -49.97 -21.91
C SER B 374 -6.05 -48.59 -21.91
N GLU B 375 -5.88 -48.01 -20.73
CA GLU B 375 -5.26 -46.69 -20.61
C GLU B 375 -4.26 -46.65 -19.46
N PRO B 376 -3.30 -47.60 -19.44
CA PRO B 376 -2.27 -47.71 -18.38
C PRO B 376 -1.49 -46.43 -18.10
N SER B 377 -1.19 -45.68 -19.16
CA SER B 377 -0.44 -44.43 -19.04
C SER B 377 -1.11 -43.38 -18.15
N LYS B 378 -2.37 -43.60 -17.81
CA LYS B 378 -3.11 -42.66 -16.97
C LYS B 378 -3.08 -43.01 -15.47
N TYR B 379 -2.52 -44.16 -15.12
CA TYR B 379 -2.52 -44.53 -13.73
C TYR B 379 -1.20 -45.03 -13.18
N VAL B 380 -1.26 -45.36 -11.90
CA VAL B 380 -0.13 -45.90 -11.15
C VAL B 380 -0.73 -47.04 -10.34
N LEU B 381 -0.04 -48.18 -10.32
CA LEU B 381 -0.49 -49.37 -9.60
C LEU B 381 0.22 -49.42 -8.25
N LYS B 382 -0.56 -49.51 -7.16
CA LYS B 382 0.02 -49.57 -5.82
C LYS B 382 -0.52 -50.72 -4.97
N PRO B 383 0.32 -51.28 -4.09
CA PRO B 383 -0.06 -52.40 -3.20
C PRO B 383 -0.87 -51.81 -2.05
N GLN B 384 -2.10 -52.27 -1.86
CA GLN B 384 -2.94 -51.74 -0.79
C GLN B 384 -2.67 -52.41 0.56
N ASN B 390 6.46 -51.27 -3.81
CA ASN B 390 6.85 -50.68 -5.12
C ASN B 390 5.62 -50.45 -6.00
N ASN B 391 5.54 -49.26 -6.60
CA ASN B 391 4.41 -48.93 -7.46
C ASN B 391 4.77 -49.14 -8.92
N VAL B 392 3.83 -49.71 -9.67
CA VAL B 392 4.02 -49.98 -11.09
C VAL B 392 3.33 -48.82 -11.83
N TYR B 393 4.13 -47.98 -12.46
CA TYR B 393 3.61 -46.83 -13.15
C TYR B 393 3.33 -47.03 -14.63
N LYS B 394 2.43 -46.19 -15.11
CA LYS B 394 1.97 -46.07 -16.51
C LYS B 394 2.07 -47.27 -17.44
N GLU B 395 2.77 -47.03 -18.54
CA GLU B 395 2.99 -47.97 -19.63
C GLU B 395 3.59 -49.32 -19.23
N ASN B 396 3.90 -49.47 -17.95
CA ASN B 396 4.49 -50.70 -17.42
C ASN B 396 3.46 -51.61 -16.75
N ILE B 397 2.26 -51.08 -16.54
CA ILE B 397 1.19 -51.84 -15.90
C ILE B 397 0.74 -53.15 -16.57
N PRO B 398 0.33 -53.10 -17.86
CA PRO B 398 -0.09 -54.35 -18.51
C PRO B 398 0.94 -55.47 -18.37
N ASN B 399 2.22 -55.10 -18.43
CA ASN B 399 3.31 -56.06 -18.31
C ASN B 399 3.34 -56.67 -16.91
N PHE B 400 3.33 -55.81 -15.90
CA PHE B 400 3.36 -56.24 -14.51
C PHE B 400 2.21 -57.19 -14.20
N LEU B 401 1.02 -56.86 -14.71
CA LEU B 401 -0.17 -57.68 -14.47
C LEU B 401 -0.21 -58.96 -15.31
N LYS B 402 0.49 -58.96 -16.44
CA LYS B 402 0.49 -60.12 -17.32
C LYS B 402 1.21 -61.32 -16.71
N GLY B 403 2.37 -61.08 -16.10
CA GLY B 403 3.14 -62.16 -15.50
C GLY B 403 2.54 -62.72 -14.23
N ILE B 404 1.62 -61.99 -13.62
CA ILE B 404 0.98 -62.42 -12.40
C ILE B 404 -0.33 -63.13 -12.73
N GLU B 405 -1.27 -63.15 -11.80
CA GLU B 405 -2.55 -63.81 -12.01
C GLU B 405 -3.73 -62.90 -11.64
N GLU B 406 -4.69 -62.77 -12.55
CA GLU B 406 -5.86 -61.94 -12.32
C GLU B 406 -6.44 -62.10 -10.92
N ARG B 407 -6.68 -63.34 -10.51
CA ARG B 407 -7.23 -63.62 -9.19
C ARG B 407 -6.38 -63.00 -8.10
N HIS B 408 -5.09 -62.84 -8.38
CA HIS B 408 -4.16 -62.26 -7.41
C HIS B 408 -3.99 -60.76 -7.59
N TRP B 409 -4.53 -60.22 -8.69
CA TRP B 409 -4.44 -58.79 -8.96
C TRP B 409 -4.98 -57.97 -7.79
N ASP B 410 -5.91 -58.55 -7.04
CA ASP B 410 -6.52 -57.88 -5.89
C ASP B 410 -5.52 -57.38 -4.85
N ALA B 411 -4.25 -57.73 -5.05
CA ALA B 411 -3.20 -57.30 -4.12
C ALA B 411 -2.68 -55.92 -4.49
N TYR B 412 -3.45 -55.20 -5.29
CA TYR B 412 -3.07 -53.85 -5.72
C TYR B 412 -4.26 -52.90 -5.83
N ILE B 413 -3.99 -51.68 -6.28
CA ILE B 413 -5.01 -50.66 -6.48
C ILE B 413 -4.56 -49.70 -7.58
N LEU B 414 -5.47 -49.40 -8.51
CA LEU B 414 -5.16 -48.50 -9.62
C LEU B 414 -5.59 -47.08 -9.26
N MET B 415 -4.64 -46.17 -9.20
CA MET B 415 -4.95 -44.79 -8.89
C MET B 415 -4.58 -43.92 -10.07
N GLU B 416 -5.46 -42.97 -10.40
CA GLU B 416 -5.18 -42.09 -11.52
C GLU B 416 -4.16 -41.04 -11.11
N LEU B 417 -3.21 -40.76 -12.00
CA LEU B 417 -2.19 -39.76 -11.73
C LEU B 417 -2.56 -38.42 -12.32
N ILE B 418 -2.17 -37.34 -11.66
CA ILE B 418 -2.44 -36.03 -12.18
C ILE B 418 -1.19 -35.56 -12.92
N GLU B 419 -1.33 -35.34 -14.23
CA GLU B 419 -0.21 -34.88 -15.04
C GLU B 419 -0.50 -33.41 -15.35
N PRO B 420 -0.15 -32.51 -14.43
CA PRO B 420 -0.37 -31.06 -14.57
C PRO B 420 0.39 -30.39 -15.72
N GLU B 421 -0.24 -29.37 -16.28
CA GLU B 421 0.32 -28.60 -17.39
C GLU B 421 1.45 -27.70 -16.87
N LEU B 422 2.67 -27.95 -17.35
CA LEU B 422 3.83 -27.19 -16.92
C LEU B 422 3.95 -25.89 -17.71
N ASN B 423 4.26 -24.80 -17.00
CA ASN B 423 4.45 -23.50 -17.66
C ASN B 423 5.95 -23.27 -17.67
N GLU B 424 6.53 -23.16 -18.86
CA GLU B 424 7.97 -22.94 -18.97
C GLU B 424 8.26 -21.54 -19.47
N ASN B 425 7.24 -20.70 -19.55
CA ASN B 425 7.42 -19.33 -20.04
C ASN B 425 7.23 -18.25 -18.97
N ASN B 426 7.59 -18.55 -17.72
CA ASN B 426 7.44 -17.55 -16.67
C ASN B 426 8.75 -17.33 -15.95
N ILE B 427 8.82 -16.28 -15.15
CA ILE B 427 10.02 -15.99 -14.37
C ILE B 427 9.58 -15.74 -12.94
N ILE B 428 10.25 -16.38 -11.99
CA ILE B 428 9.94 -16.20 -10.59
C ILE B 428 10.95 -15.28 -9.92
N LEU B 429 10.43 -14.31 -9.18
CA LEU B 429 11.25 -13.36 -8.48
C LEU B 429 11.20 -13.63 -6.98
N ARG B 430 12.36 -13.92 -6.40
CA ARG B 430 12.45 -14.20 -4.98
C ARG B 430 13.77 -13.64 -4.45
N ASP B 431 13.67 -12.75 -3.46
CA ASP B 431 14.85 -12.12 -2.84
C ASP B 431 15.78 -11.55 -3.90
N ASN B 432 15.18 -10.88 -4.88
CA ASN B 432 15.93 -10.28 -5.98
C ASN B 432 16.84 -11.22 -6.75
N LYS B 433 16.32 -12.40 -7.02
CA LYS B 433 16.97 -13.40 -7.84
C LYS B 433 15.86 -13.91 -8.72
N SER B 434 16.09 -13.92 -10.01
CA SER B 434 15.06 -14.36 -10.92
C SER B 434 15.37 -15.78 -11.36
N TYR B 435 14.33 -16.60 -11.46
CA TYR B 435 14.49 -17.99 -11.87
C TYR B 435 13.62 -18.24 -13.09
N ASN B 436 14.22 -18.81 -14.12
CA ASN B 436 13.49 -19.12 -15.36
C ASN B 436 13.34 -20.63 -15.51
N GLU B 437 12.74 -21.27 -14.51
CA GLU B 437 12.52 -22.71 -14.53
C GLU B 437 11.05 -23.05 -14.76
N PRO B 438 10.79 -24.26 -15.30
CA PRO B 438 9.39 -24.65 -15.53
C PRO B 438 8.66 -24.66 -14.17
N ILE B 439 7.39 -24.29 -14.18
CA ILE B 439 6.63 -24.26 -12.95
C ILE B 439 5.27 -24.93 -12.99
N ILE B 440 4.90 -25.55 -11.88
N ILE B 440 4.90 -25.55 -11.88
CA ILE B 440 3.60 -26.18 -11.74
CA ILE B 440 3.61 -26.20 -11.74
C ILE B 440 2.77 -25.23 -10.90
C ILE B 440 2.78 -25.23 -10.89
N SER B 441 1.53 -25.00 -11.30
CA SER B 441 0.64 -24.12 -10.60
C SER B 441 -0.60 -24.75 -9.99
N GLU B 442 -0.96 -24.28 -8.81
CA GLU B 442 -2.11 -24.77 -8.07
C GLU B 442 -3.14 -23.64 -7.96
N LEU B 443 -4.33 -23.89 -8.49
CA LEU B 443 -5.41 -22.91 -8.47
C LEU B 443 -6.23 -23.02 -7.18
N GLY B 444 -6.22 -21.95 -6.37
CA GLY B 444 -6.98 -21.93 -5.14
C GLY B 444 -8.28 -21.13 -5.26
N ILE B 445 -9.35 -21.68 -4.70
CA ILE B 445 -10.64 -21.01 -4.69
C ILE B 445 -11.13 -20.86 -3.24
N TYR B 446 -11.28 -19.61 -2.78
CA TYR B 446 -11.74 -19.37 -1.43
C TYR B 446 -13.26 -19.50 -1.34
N GLY B 447 -13.74 -19.89 -0.17
CA GLY B 447 -15.19 -20.02 0.00
C GLY B 447 -15.55 -19.73 1.45
N CYS B 448 -16.69 -19.11 1.67
N CYS B 448 -16.71 -19.14 1.63
CA CYS B 448 -17.14 -18.80 3.03
CA CYS B 448 -17.21 -18.79 2.95
C CYS B 448 -18.55 -19.31 3.23
C CYS B 448 -18.58 -19.42 3.18
N VAL B 449 -18.79 -19.98 4.36
CA VAL B 449 -20.06 -20.57 4.67
C VAL B 449 -20.41 -20.36 6.15
N LEU B 450 -21.60 -19.83 6.40
CA LEU B 450 -22.08 -19.58 7.75
C LEU B 450 -23.21 -20.59 7.97
N PHE B 451 -23.14 -21.35 9.06
CA PHE B 451 -24.17 -22.35 9.27
C PHE B 451 -24.35 -22.71 10.74
N ASN B 452 -25.51 -23.26 11.06
CA ASN B 452 -25.80 -23.68 12.43
C ASN B 452 -25.90 -25.20 12.44
N ASP B 453 -26.67 -25.75 13.38
CA ASP B 453 -26.81 -27.20 13.50
C ASP B 453 -27.49 -27.91 12.35
N GLU B 454 -28.45 -27.26 11.71
CA GLU B 454 -29.18 -27.90 10.61
C GLU B 454 -29.31 -27.13 9.32
N GLN B 455 -28.89 -25.88 9.30
CA GLN B 455 -29.02 -25.10 8.08
C GLN B 455 -27.79 -24.31 7.71
N VAL B 456 -27.75 -23.91 6.44
CA VAL B 456 -26.69 -23.09 5.92
C VAL B 456 -27.33 -21.70 5.76
N LEU B 457 -26.78 -20.72 6.44
CA LEU B 457 -27.32 -19.38 6.39
C LEU B 457 -26.70 -18.51 5.28
N SER B 458 -25.42 -18.75 4.97
CA SER B 458 -24.74 -17.97 3.93
C SER B 458 -23.68 -18.87 3.29
N ASN B 459 -23.63 -18.84 1.95
CA ASN B 459 -22.69 -19.69 1.22
C ASN B 459 -22.21 -18.95 -0.01
N GLU B 460 -20.94 -18.53 0.01
CA GLU B 460 -20.37 -17.76 -1.11
C GLU B 460 -19.00 -18.20 -1.64
N PHE B 461 -18.80 -17.93 -2.91
CA PHE B 461 -17.53 -18.11 -3.56
C PHE B 461 -16.80 -16.88 -3.02
N SER B 462 -15.50 -16.95 -2.70
CA SER B 462 -14.85 -15.77 -2.10
C SER B 462 -13.53 -15.29 -2.70
N GLY B 463 -13.27 -15.65 -3.95
CA GLY B 463 -12.04 -15.20 -4.58
C GLY B 463 -11.19 -16.36 -5.05
N SER B 464 -10.08 -16.04 -5.73
CA SER B 464 -9.19 -17.04 -6.25
C SER B 464 -7.72 -16.76 -5.87
N LEU B 465 -6.89 -17.78 -6.08
CA LEU B 465 -5.48 -17.69 -5.75
C LEU B 465 -4.73 -18.57 -6.72
N LEU B 466 -3.50 -18.22 -7.04
CA LEU B 466 -2.70 -19.07 -7.88
C LEU B 466 -1.32 -19.12 -7.29
N ARG B 467 -0.90 -20.31 -6.86
CA ARG B 467 0.43 -20.46 -6.30
C ARG B 467 1.21 -21.36 -7.24
N SER B 468 2.48 -21.04 -7.41
CA SER B 468 3.34 -21.80 -8.29
C SER B 468 4.61 -22.21 -7.60
N LYS B 469 5.26 -23.24 -8.15
CA LYS B 469 6.51 -23.74 -7.60
C LYS B 469 7.26 -24.49 -8.70
N PHE B 470 8.56 -24.64 -8.51
CA PHE B 470 9.39 -25.35 -9.47
C PHE B 470 8.98 -26.82 -9.58
N GLY B 483 8.22 -21.96 -3.95
CA GLY B 483 6.85 -21.51 -3.98
C GLY B 483 6.75 -19.99 -4.11
N CYS B 484 5.69 -19.51 -4.74
CA CYS B 484 5.50 -18.09 -4.92
C CYS B 484 4.07 -17.79 -5.36
N LEU B 485 3.69 -16.51 -5.27
CA LEU B 485 2.38 -16.07 -5.69
C LEU B 485 2.41 -15.80 -7.19
N ASP B 486 1.35 -16.22 -7.87
CA ASP B 486 1.23 -16.07 -9.32
C ASP B 486 -0.14 -15.47 -9.61
N SER B 487 -0.44 -15.14 -10.87
CA SER B 487 -1.75 -14.61 -11.24
C SER B 487 -2.25 -15.40 -12.45
N ILE B 488 -3.53 -15.26 -12.76
CA ILE B 488 -4.15 -15.99 -13.85
C ILE B 488 -4.49 -15.23 -15.12
N ILE B 489 -4.14 -15.83 -16.25
CA ILE B 489 -4.51 -15.30 -17.56
C ILE B 489 -5.31 -16.44 -18.19
N LEU B 490 -6.58 -16.18 -18.47
CA LEU B 490 -7.48 -17.18 -19.07
C LEU B 490 -7.32 -17.31 -20.59
N TYR B 491 -7.56 -18.51 -21.11
CA TYR B 491 -7.47 -18.74 -22.55
C TYR B 491 -8.50 -19.79 -23.04
#